data_1QGJ
#
_entry.id   1QGJ
#
_cell.length_a   72.989
_cell.length_b   87.457
_cell.length_c   91.371
_cell.angle_alpha   90.00
_cell.angle_beta   90.00
_cell.angle_gamma   90.00
#
_symmetry.space_group_name_H-M   'P 21 21 21'
#
loop_
_entity.id
_entity.type
_entity.pdbx_description
1 polymer 'PEROXIDASE N'
2 non-polymer 'CALCIUM ION'
3 non-polymer 'PROTOPORPHYRIN IX CONTAINING FE'
4 non-polymer GLUTATHIONE
5 water water
#
_entity_poly.entity_id   1
_entity_poly.type   'polypeptide(L)'
_entity_poly.pdbx_seq_one_letter_code
;QLSPDIYAKSCPNLVQIVRKQVAIALKAEIRMAASLIRLHFHDCFVNGCDASLLLDGADSEKLAIPNINSARGFEVIDTI
KAAVENACPGVVSCADILTLAARDSVVLSGGPGWRVALGRKDGLVANQNSANNLPSPFEPLDAIIAKFVAVNLNITDVVA
LSGAHTFGQAKCAVFSNRLFNFTGAGNPDATLETSLLSNLQTVCPLGGNSNITAPLDRSTTDTFDNNYFKNLLEGKGLLS
SDQILFSSDLAVNTTKKLVEAYSRSQSLFFRDFTCAMIRMGNISNGASGEVRTNCRVINN
;
_entity_poly.pdbx_strand_id   A,B
#
loop_
_chem_comp.id
_chem_comp.type
_chem_comp.name
_chem_comp.formula
CA non-polymer 'CALCIUM ION' 'Ca 2'
GSH non-polymer GLUTATHIONE 'C10 H17 N3 O6 S'
HEM non-polymer 'PROTOPORPHYRIN IX CONTAINING FE' 'C34 H32 Fe N4 O4'
#
# COMPACT_ATOMS: atom_id res chain seq x y z
N GLN A 1 35.10 -16.50 13.10
CA GLN A 1 34.32 -17.29 12.09
C GLN A 1 32.87 -17.42 12.56
N LEU A 2 31.96 -16.79 11.84
CA LEU A 2 30.54 -16.82 12.20
C LEU A 2 29.82 -18.09 11.76
N SER A 3 28.81 -18.47 12.53
CA SER A 3 28.01 -19.66 12.24
C SER A 3 26.60 -19.48 12.79
N PRO A 4 25.59 -19.98 12.05
CA PRO A 4 24.20 -19.85 12.51
C PRO A 4 23.93 -20.63 13.80
N ASP A 5 24.71 -21.68 14.03
CA ASP A 5 24.55 -22.54 15.19
C ASP A 5 25.51 -22.28 16.35
N ILE A 6 26.21 -21.16 16.34
CA ILE A 6 27.17 -20.86 17.40
C ILE A 6 26.56 -20.92 18.80
N TYR A 7 25.26 -20.67 18.93
CA TYR A 7 24.58 -20.72 20.24
C TYR A 7 23.68 -21.94 20.38
N ALA A 8 23.88 -22.94 19.53
CA ALA A 8 23.06 -24.16 19.56
C ALA A 8 22.94 -24.79 20.95
N LYS A 9 24.01 -24.72 21.73
CA LYS A 9 24.00 -25.28 23.07
C LYS A 9 23.75 -24.22 24.14
N SER A 10 24.39 -23.07 23.99
CA SER A 10 24.25 -21.98 24.95
C SER A 10 22.94 -21.21 24.94
N CYS A 11 22.30 -21.08 23.78
CA CYS A 11 21.02 -20.36 23.71
C CYS A 11 20.20 -20.88 22.53
N PRO A 12 19.69 -22.12 22.64
CA PRO A 12 18.88 -22.81 21.63
C PRO A 12 17.75 -22.00 20.99
N ASN A 13 16.95 -21.32 21.80
CA ASN A 13 15.81 -20.57 21.30
C ASN A 13 16.06 -19.12 20.88
N LEU A 14 17.32 -18.71 20.76
CA LEU A 14 17.62 -17.33 20.38
C LEU A 14 16.80 -16.74 19.23
N VAL A 15 16.86 -17.38 18.06
CA VAL A 15 16.13 -16.87 16.91
C VAL A 15 14.66 -16.57 17.19
N GLN A 16 13.96 -17.52 17.80
N GLN A 16 13.98 -17.53 17.80
CA GLN A 16 12.55 -17.35 18.11
CA GLN A 16 12.57 -17.40 18.13
C GLN A 16 12.31 -16.24 19.12
C GLN A 16 12.29 -16.27 19.13
N ILE A 17 13.16 -16.15 20.13
CA ILE A 17 13.01 -15.12 21.15
C ILE A 17 13.09 -13.73 20.51
N VAL A 18 14.10 -13.52 19.68
CA VAL A 18 14.26 -12.22 19.02
C VAL A 18 13.10 -11.91 18.07
N ARG A 19 12.67 -12.89 17.28
CA ARG A 19 11.58 -12.69 16.34
CA ARG A 19 11.56 -12.67 16.35
C ARG A 19 10.31 -12.22 17.06
C ARG A 19 10.30 -12.21 17.07
N LYS A 20 9.95 -12.91 18.14
CA LYS A 20 8.75 -12.55 18.89
C LYS A 20 8.81 -11.12 19.43
N GLN A 21 10.00 -10.70 19.88
CA GLN A 21 10.16 -9.34 20.41
C GLN A 21 10.12 -8.28 19.32
N VAL A 22 10.62 -8.62 18.13
CA VAL A 22 10.59 -7.65 17.03
C VAL A 22 9.14 -7.46 16.60
N ALA A 23 8.37 -8.54 16.56
CA ALA A 23 6.96 -8.48 16.16
C ALA A 23 6.18 -7.61 17.15
N ILE A 24 6.53 -7.70 18.43
CA ILE A 24 5.86 -6.89 19.45
C ILE A 24 6.16 -5.42 19.21
N ALA A 25 7.43 -5.10 18.93
CA ALA A 25 7.83 -3.72 18.68
C ALA A 25 7.15 -3.13 17.44
N LEU A 26 7.05 -3.92 16.37
N LEU A 26 7.04 -3.92 16.37
CA LEU A 26 6.42 -3.46 15.15
CA LEU A 26 6.41 -3.45 15.15
C LEU A 26 4.92 -3.23 15.33
C LEU A 26 4.92 -3.23 15.34
N LYS A 27 4.30 -4.02 16.20
CA LYS A 27 2.87 -3.87 16.46
C LYS A 27 2.62 -2.54 17.16
N ALA A 28 3.55 -2.14 18.01
CA ALA A 28 3.42 -0.87 18.74
C ALA A 28 3.74 0.33 17.85
N GLU A 29 4.74 0.17 16.97
CA GLU A 29 5.14 1.24 16.05
C GLU A 29 5.76 0.60 14.81
N ILE A 30 5.03 0.61 13.70
CA ILE A 30 5.52 -0.02 12.48
C ILE A 30 6.84 0.56 11.95
N ARG A 31 7.06 1.85 12.15
CA ARG A 31 8.29 2.50 11.69
C ARG A 31 9.54 1.86 12.30
N MET A 32 9.38 1.19 13.44
N MET A 32 9.39 1.20 13.44
CA MET A 32 10.51 0.58 14.13
CA MET A 32 10.53 0.58 14.11
C MET A 32 11.26 -0.45 13.28
C MET A 32 11.26 -0.46 13.27
N ALA A 33 10.57 -1.03 12.30
CA ALA A 33 11.21 -2.03 11.42
C ALA A 33 12.33 -1.31 10.68
N ALA A 34 12.00 -0.14 10.16
CA ALA A 34 12.96 0.68 9.43
C ALA A 34 14.07 1.17 10.35
N SER A 35 13.69 1.67 11.53
CA SER A 35 14.66 2.19 12.49
C SER A 35 15.70 1.14 12.89
N LEU A 36 15.26 -0.10 13.13
CA LEU A 36 16.15 -1.17 13.54
C LEU A 36 17.22 -1.56 12.51
N ILE A 37 16.83 -1.68 11.24
CA ILE A 37 17.82 -2.04 10.24
C ILE A 37 18.79 -0.87 10.06
N ARG A 38 18.31 0.35 10.23
CA ARG A 38 19.22 1.49 10.09
C ARG A 38 20.29 1.43 11.20
N LEU A 39 19.90 0.98 12.39
CA LEU A 39 20.86 0.88 13.49
C LEU A 39 21.96 -0.10 13.12
N HIS A 40 21.58 -1.20 12.49
CA HIS A 40 22.53 -2.24 12.07
C HIS A 40 23.51 -1.64 11.06
N PHE A 41 22.98 -0.87 10.11
CA PHE A 41 23.80 -0.20 9.09
C PHE A 41 24.80 0.72 9.77
N HIS A 42 24.33 1.61 10.64
CA HIS A 42 25.22 2.54 11.33
C HIS A 42 26.17 1.85 12.30
N ASP A 43 25.84 0.62 12.71
CA ASP A 43 26.75 -0.10 13.60
C ASP A 43 27.88 -0.66 12.75
N CYS A 44 27.52 -1.36 11.68
CA CYS A 44 28.51 -1.99 10.81
C CYS A 44 29.50 -1.07 10.13
N PHE A 45 29.08 0.15 9.81
CA PHE A 45 29.97 1.10 9.13
C PHE A 45 30.97 1.85 10.04
N VAL A 46 30.95 1.56 11.34
CA VAL A 46 31.85 2.22 12.28
C VAL A 46 32.43 1.18 13.23
N ASN A 47 33.73 0.91 13.10
CA ASN A 47 34.41 -0.09 13.94
C ASN A 47 33.78 -1.48 13.77
N GLY A 48 33.12 -1.70 12.63
CA GLY A 48 32.49 -2.97 12.32
C GLY A 48 31.19 -3.25 13.07
N CYS A 49 30.57 -4.40 12.79
CA CYS A 49 29.30 -4.80 13.44
C CYS A 49 29.65 -5.29 14.84
N ASP A 50 29.83 -4.34 15.75
CA ASP A 50 30.23 -4.65 17.12
C ASP A 50 29.39 -3.92 18.18
N ALA A 51 28.22 -3.42 17.77
CA ALA A 51 27.32 -2.72 18.68
C ALA A 51 27.94 -1.49 19.35
N SER A 52 29.00 -0.94 18.77
CA SER A 52 29.65 0.23 19.36
C SER A 52 28.67 1.41 19.41
N LEU A 53 27.76 1.46 18.45
CA LEU A 53 26.77 2.55 18.39
C LEU A 53 25.84 2.55 19.60
N LEU A 54 25.63 1.39 20.20
CA LEU A 54 24.73 1.27 21.35
C LEU A 54 25.31 1.81 22.65
N LEU A 55 26.61 2.09 22.67
CA LEU A 55 27.24 2.61 23.88
C LEU A 55 26.89 4.07 24.16
N ASP A 56 26.51 4.34 25.41
CA ASP A 56 26.16 5.70 25.84
C ASP A 56 27.43 6.40 26.33
N GLY A 57 27.33 7.69 26.65
CA GLY A 57 28.49 8.42 27.12
C GLY A 57 28.67 9.75 26.43
N ALA A 58 29.51 10.62 26.99
CA ALA A 58 29.75 11.94 26.42
C ALA A 58 30.41 11.88 25.05
N ASP A 59 31.10 10.77 24.76
N ASP A 59 31.08 10.77 24.76
CA ASP A 59 31.77 10.60 23.48
CA ASP A 59 31.78 10.57 23.50
C ASP A 59 31.04 9.59 22.60
C ASP A 59 31.04 9.57 22.60
N SER A 60 29.79 9.30 22.96
CA SER A 60 28.96 8.35 22.21
C SER A 60 28.78 8.61 20.72
N GLU A 61 28.64 7.54 19.95
CA GLU A 61 28.41 7.66 18.52
C GLU A 61 27.00 8.23 18.32
N LYS A 62 26.16 8.09 19.33
CA LYS A 62 24.80 8.59 19.24
C LYS A 62 24.75 10.11 19.07
N LEU A 63 25.86 10.77 19.40
CA LEU A 63 25.93 12.23 19.26
C LEU A 63 26.60 12.68 17.97
N ALA A 64 27.10 11.73 17.17
CA ALA A 64 27.74 12.09 15.91
C ALA A 64 26.70 12.77 15.01
N ILE A 65 27.20 13.64 14.13
CA ILE A 65 26.33 14.40 13.24
C ILE A 65 25.20 13.61 12.56
N PRO A 66 25.48 12.41 12.03
CA PRO A 66 24.43 11.63 11.37
C PRO A 66 23.48 10.89 12.32
N ASN A 67 23.90 10.69 13.57
CA ASN A 67 23.08 9.97 14.54
C ASN A 67 22.23 10.82 15.49
N ILE A 68 22.75 11.98 15.88
CA ILE A 68 22.03 12.85 16.81
C ILE A 68 20.67 13.27 16.27
N ASN A 69 19.64 13.21 17.12
CA ASN A 69 18.29 13.60 16.72
C ASN A 69 17.90 12.85 15.45
N SER A 70 18.35 11.60 15.32
CA SER A 70 18.09 10.83 14.11
C SER A 70 17.97 9.31 14.34
N ALA A 71 19.04 8.70 14.87
CA ALA A 71 19.02 7.26 15.13
C ALA A 71 17.99 6.97 16.21
N ARG A 72 17.30 5.84 16.11
CA ARG A 72 16.29 5.50 17.12
C ARG A 72 16.08 4.00 17.25
N GLY A 73 15.37 3.60 18.31
CA GLY A 73 15.11 2.19 18.54
C GLY A 73 16.01 1.60 19.62
N PHE A 74 16.67 2.48 20.38
CA PHE A 74 17.57 2.01 21.43
C PHE A 74 16.80 1.31 22.57
N GLU A 75 15.60 1.81 22.89
CA GLU A 75 14.79 1.22 23.94
C GLU A 75 14.32 -0.18 23.52
N VAL A 76 13.98 -0.32 22.24
CA VAL A 76 13.52 -1.60 21.73
C VAL A 76 14.64 -2.63 21.82
N ILE A 77 15.87 -2.21 21.51
CA ILE A 77 17.00 -3.13 21.60
C ILE A 77 17.20 -3.55 23.05
N ASP A 78 17.02 -2.62 23.98
CA ASP A 78 17.18 -2.98 25.39
C ASP A 78 16.16 -4.04 25.77
N THR A 79 14.94 -3.90 25.25
CA THR A 79 13.88 -4.84 25.56
C THR A 79 14.19 -6.23 25.01
N ILE A 80 14.65 -6.29 23.77
CA ILE A 80 14.99 -7.55 23.15
C ILE A 80 16.13 -8.20 23.94
N LYS A 81 17.17 -7.41 24.21
CA LYS A 81 18.32 -7.89 24.96
C LYS A 81 17.92 -8.43 26.33
N ALA A 82 17.01 -7.73 27.00
CA ALA A 82 16.56 -8.18 28.32
C ALA A 82 15.89 -9.55 28.22
N ALA A 83 15.09 -9.75 27.18
CA ALA A 83 14.40 -11.04 26.99
C ALA A 83 15.43 -12.14 26.73
N VAL A 84 16.44 -11.83 25.93
CA VAL A 84 17.46 -12.82 25.64
C VAL A 84 18.29 -13.13 26.88
N GLU A 85 18.61 -12.11 27.67
CA GLU A 85 19.39 -12.32 28.88
C GLU A 85 18.62 -13.12 29.93
N ASN A 86 17.30 -12.95 29.96
CA ASN A 86 16.48 -13.68 30.92
C ASN A 86 16.53 -15.17 30.58
N ALA A 87 16.58 -15.47 29.28
CA ALA A 87 16.60 -16.84 28.81
C ALA A 87 17.99 -17.48 28.79
N CYS A 88 19.00 -16.68 28.52
N CYS A 88 19.01 -16.68 28.49
CA CYS A 88 20.36 -17.20 28.45
CA CYS A 88 20.38 -17.18 28.42
C CYS A 88 21.38 -16.15 28.91
C CYS A 88 21.39 -16.14 28.92
N PRO A 89 21.48 -15.96 30.24
CA PRO A 89 22.40 -15.00 30.86
C PRO A 89 23.83 -14.99 30.32
N GLY A 90 24.30 -13.80 29.94
CA GLY A 90 25.66 -13.61 29.45
C GLY A 90 26.14 -14.39 28.24
N VAL A 91 25.21 -14.86 27.41
CA VAL A 91 25.58 -15.64 26.24
C VAL A 91 25.63 -14.93 24.88
N VAL A 92 24.56 -14.21 24.55
CA VAL A 92 24.45 -13.55 23.26
C VAL A 92 24.90 -12.09 23.22
N SER A 93 25.65 -11.75 22.17
CA SER A 93 26.16 -10.39 22.00
C SER A 93 25.10 -9.42 21.49
N CYS A 94 25.29 -8.14 21.81
CA CYS A 94 24.37 -7.12 21.35
C CYS A 94 24.52 -6.99 19.84
N ALA A 95 25.73 -7.22 19.36
CA ALA A 95 26.00 -7.14 17.92
C ALA A 95 25.16 -8.14 17.15
N ASP A 96 25.00 -9.34 17.69
CA ASP A 96 24.21 -10.37 17.02
C ASP A 96 22.72 -10.05 17.11
N ILE A 97 22.29 -9.56 18.26
CA ILE A 97 20.88 -9.22 18.43
C ILE A 97 20.48 -8.14 17.44
N LEU A 98 21.35 -7.15 17.22
N LEU A 98 21.35 -7.16 17.21
CA LEU A 98 21.07 -6.08 16.28
CA LEU A 98 21.07 -6.08 16.28
C LEU A 98 20.96 -6.66 14.87
C LEU A 98 20.97 -6.64 14.86
N THR A 99 21.84 -7.61 14.55
CA THR A 99 21.85 -8.24 13.23
C THR A 99 20.53 -9.01 13.01
N LEU A 100 20.14 -9.81 13.99
CA LEU A 100 18.90 -10.59 13.91
C LEU A 100 17.68 -9.69 13.81
N ALA A 101 17.64 -8.64 14.62
CA ALA A 101 16.51 -7.72 14.60
C ALA A 101 16.35 -7.06 13.24
N ALA A 102 17.48 -6.75 12.60
CA ALA A 102 17.44 -6.12 11.28
C ALA A 102 16.82 -7.08 10.27
N ARG A 103 17.28 -8.32 10.29
CA ARG A 103 16.77 -9.33 9.38
C ARG A 103 15.27 -9.53 9.62
N ASP A 104 14.88 -9.68 10.88
CA ASP A 104 13.47 -9.87 11.21
C ASP A 104 12.59 -8.70 10.76
N SER A 105 13.11 -7.49 10.88
CA SER A 105 12.37 -6.29 10.49
C SER A 105 12.05 -6.30 9.00
N VAL A 106 12.99 -6.76 8.19
CA VAL A 106 12.77 -6.85 6.74
C VAL A 106 11.71 -7.91 6.46
N VAL A 107 11.90 -9.10 7.01
CA VAL A 107 10.96 -10.21 6.82
C VAL A 107 9.54 -9.86 7.25
N LEU A 108 9.38 -9.31 8.45
CA LEU A 108 8.05 -8.97 8.93
C LEU A 108 7.42 -7.81 8.17
N SER A 109 8.19 -7.19 7.28
CA SER A 109 7.71 -6.09 6.46
C SER A 109 7.45 -6.54 5.02
N GLY A 110 7.44 -7.86 4.81
CA GLY A 110 7.19 -8.39 3.48
C GLY A 110 8.43 -8.59 2.64
N GLY A 111 9.60 -8.33 3.21
CA GLY A 111 10.85 -8.48 2.47
C GLY A 111 11.42 -9.88 2.49
N PRO A 112 12.58 -10.10 1.86
CA PRO A 112 13.23 -11.41 1.80
C PRO A 112 13.86 -11.80 3.14
N GLY A 113 13.98 -13.10 3.37
CA GLY A 113 14.60 -13.57 4.61
C GLY A 113 15.88 -14.30 4.25
N TRP A 114 16.75 -14.51 5.24
CA TRP A 114 18.01 -15.21 5.01
C TRP A 114 18.51 -15.73 6.36
N ARG A 115 19.29 -16.80 6.34
CA ARG A 115 19.81 -17.38 7.58
C ARG A 115 21.01 -16.58 8.08
N VAL A 116 20.85 -15.95 9.24
CA VAL A 116 21.90 -15.12 9.83
C VAL A 116 22.99 -15.93 10.53
N ALA A 117 24.24 -15.60 10.25
CA ALA A 117 25.38 -16.26 10.87
C ALA A 117 25.67 -15.48 12.13
N LEU A 118 25.91 -16.18 13.24
CA LEU A 118 26.14 -15.53 14.52
C LEU A 118 27.54 -15.75 15.08
N GLY A 119 27.88 -14.98 16.11
CA GLY A 119 29.19 -15.08 16.72
C GLY A 119 29.94 -13.76 16.82
N ARG A 120 29.28 -12.67 16.48
CA ARG A 120 29.92 -11.35 16.55
C ARG A 120 30.19 -10.98 18.00
N LYS A 121 31.28 -10.25 18.22
CA LYS A 121 31.64 -9.81 19.56
C LYS A 121 31.30 -8.33 19.69
N ASP A 122 31.07 -7.88 20.92
CA ASP A 122 30.76 -6.48 21.16
C ASP A 122 32.04 -5.68 21.41
N GLY A 123 32.15 -4.53 20.76
CA GLY A 123 33.30 -3.67 20.91
C GLY A 123 33.42 -3.05 22.29
N LEU A 124 34.60 -2.53 22.59
CA LEU A 124 34.86 -1.92 23.89
C LEU A 124 34.90 -0.39 23.89
N VAL A 125 34.73 0.24 22.73
CA VAL A 125 34.75 1.70 22.67
C VAL A 125 33.89 2.26 21.55
N ALA A 126 33.48 3.52 21.70
CA ALA A 126 32.69 4.19 20.68
C ALA A 126 33.67 4.92 19.78
N ASN A 127 33.29 5.14 18.51
CA ASN A 127 34.15 5.87 17.59
C ASN A 127 33.32 6.99 16.96
N GLN A 128 33.09 8.05 17.73
CA GLN A 128 32.29 9.17 17.25
C GLN A 128 32.87 9.83 16.00
N ASN A 129 34.21 9.93 15.93
CA ASN A 129 34.87 10.54 14.77
C ASN A 129 34.52 9.78 13.50
N SER A 130 34.54 8.45 13.57
CA SER A 130 34.23 7.64 12.41
C SER A 130 32.74 7.75 12.05
N ALA A 131 31.87 7.86 13.05
CA ALA A 131 30.44 7.98 12.79
C ALA A 131 30.12 9.28 12.04
N ASN A 132 30.92 10.33 12.27
CA ASN A 132 30.70 11.59 11.56
C ASN A 132 31.01 11.40 10.08
N ASN A 133 31.70 10.32 9.74
CA ASN A 133 32.08 10.05 8.37
C ASN A 133 31.10 9.12 7.63
N LEU A 134 29.96 8.84 8.26
CA LEU A 134 28.96 7.99 7.64
C LEU A 134 28.45 8.68 6.37
N PRO A 135 27.88 7.90 5.44
CA PRO A 135 27.35 8.45 4.17
C PRO A 135 26.36 9.59 4.44
N SER A 136 26.43 10.65 3.62
CA SER A 136 25.56 11.81 3.76
C SER A 136 24.55 11.97 2.61
N PRO A 137 23.33 12.42 2.92
CA PRO A 137 22.32 12.60 1.87
C PRO A 137 22.68 13.73 0.93
N PHE A 138 23.62 14.56 1.36
CA PHE A 138 24.06 15.72 0.58
C PHE A 138 25.29 15.53 -0.32
N GLU A 139 26.06 14.46 -0.12
CA GLU A 139 27.27 14.29 -0.92
C GLU A 139 27.10 13.62 -2.28
N PRO A 140 28.08 13.83 -3.18
CA PRO A 140 28.11 13.28 -4.54
C PRO A 140 28.11 11.75 -4.52
N LEU A 141 27.65 11.15 -5.61
CA LEU A 141 27.60 9.70 -5.69
C LEU A 141 28.96 9.04 -5.52
N ASP A 142 29.99 9.63 -6.14
CA ASP A 142 31.34 9.07 -6.02
C ASP A 142 31.80 9.00 -4.58
N ALA A 143 31.41 10.01 -3.79
CA ALA A 143 31.79 10.06 -2.38
C ALA A 143 31.10 8.96 -1.59
N ILE A 144 29.85 8.66 -1.94
CA ILE A 144 29.11 7.60 -1.26
C ILE A 144 29.72 6.25 -1.62
N ILE A 145 30.06 6.08 -2.89
CA ILE A 145 30.66 4.83 -3.34
C ILE A 145 32.00 4.62 -2.62
N ALA A 146 32.79 5.68 -2.49
CA ALA A 146 34.08 5.59 -1.81
C ALA A 146 33.92 5.13 -0.35
N LYS A 147 32.84 5.57 0.30
CA LYS A 147 32.63 5.18 1.68
C LYS A 147 32.30 3.69 1.80
N PHE A 148 31.65 3.12 0.79
CA PHE A 148 31.32 1.69 0.81
C PHE A 148 32.59 0.90 0.49
N VAL A 149 33.39 1.40 -0.45
CA VAL A 149 34.63 0.72 -0.81
C VAL A 149 35.57 0.67 0.39
N ALA A 150 35.55 1.72 1.20
CA ALA A 150 36.40 1.79 2.39
C ALA A 150 36.16 0.63 3.35
N VAL A 151 34.94 0.09 3.37
CA VAL A 151 34.63 -1.03 4.25
C VAL A 151 34.47 -2.32 3.46
N ASN A 152 35.13 -2.36 2.29
CA ASN A 152 35.12 -3.52 1.42
C ASN A 152 33.80 -3.90 0.76
N LEU A 153 32.93 -2.91 0.57
CA LEU A 153 31.66 -3.17 -0.12
C LEU A 153 31.84 -2.47 -1.47
N ASN A 154 30.90 -2.64 -2.39
CA ASN A 154 31.04 -2.00 -3.69
C ASN A 154 29.77 -1.38 -4.26
N ILE A 155 29.87 -0.87 -5.48
CA ILE A 155 28.76 -0.22 -6.14
C ILE A 155 27.45 -0.99 -6.12
N THR A 156 27.49 -2.31 -6.36
CA THR A 156 26.27 -3.10 -6.33
C THR A 156 25.66 -3.04 -4.93
N ASP A 157 26.52 -3.11 -3.91
CA ASP A 157 26.05 -3.03 -2.53
C ASP A 157 25.40 -1.67 -2.28
N VAL A 158 25.99 -0.61 -2.82
CA VAL A 158 25.45 0.74 -2.66
C VAL A 158 23.99 0.82 -3.14
N VAL A 159 23.75 0.34 -4.36
CA VAL A 159 22.42 0.37 -4.95
C VAL A 159 21.42 -0.55 -4.25
N ALA A 160 21.82 -1.78 -3.97
CA ALA A 160 20.92 -2.73 -3.31
C ALA A 160 20.55 -2.31 -1.89
N LEU A 161 21.56 -1.93 -1.10
CA LEU A 161 21.29 -1.53 0.28
C LEU A 161 20.54 -0.19 0.36
N SER A 162 20.65 0.64 -0.67
CA SER A 162 19.91 1.91 -0.68
C SER A 162 18.43 1.57 -0.76
N GLY A 163 18.14 0.34 -1.21
CA GLY A 163 16.77 -0.13 -1.33
C GLY A 163 16.06 -0.23 0.01
N ALA A 164 16.82 -0.14 1.10
CA ALA A 164 16.24 -0.19 2.43
C ALA A 164 15.37 1.04 2.63
N HIS A 165 15.52 2.03 1.75
CA HIS A 165 14.70 3.24 1.85
C HIS A 165 13.32 2.97 1.27
N THR A 166 12.98 1.70 1.09
CA THR A 166 11.67 1.31 0.57
C THR A 166 10.64 1.42 1.72
N PHE A 167 11.15 1.66 2.92
CA PHE A 167 10.31 1.91 4.09
C PHE A 167 11.02 2.89 5.01
N GLY A 168 10.30 3.41 6.01
CA GLY A 168 10.92 4.36 6.92
C GLY A 168 10.65 5.81 6.59
N GLN A 169 11.20 6.71 7.41
CA GLN A 169 11.01 8.16 7.24
C GLN A 169 12.34 8.91 7.12
N ALA A 170 12.24 10.19 6.75
CA ALA A 170 13.39 11.09 6.65
C ALA A 170 12.85 12.47 7.03
N LYS A 171 13.56 13.18 7.90
CA LYS A 171 13.13 14.51 8.33
C LYS A 171 13.36 15.59 7.29
N CYS A 172 12.55 16.65 7.37
CA CYS A 172 12.66 17.77 6.45
C CYS A 172 14.10 18.26 6.30
N ALA A 173 14.79 18.35 7.43
CA ALA A 173 16.16 18.85 7.44
C ALA A 173 17.13 18.18 6.45
N VAL A 174 16.92 16.92 6.12
CA VAL A 174 17.84 16.27 5.19
C VAL A 174 17.44 16.29 3.72
N PHE A 175 16.37 17.01 3.38
CA PHE A 175 15.97 17.10 1.98
C PHE A 175 15.26 18.41 1.58
N SER A 176 14.90 19.23 2.56
CA SER A 176 14.21 20.48 2.24
C SER A 176 15.03 21.44 1.37
N ASN A 177 16.34 21.27 1.34
CA ASN A 177 17.19 22.13 0.53
C ASN A 177 16.88 21.94 -0.96
N ARG A 178 16.23 20.83 -1.28
CA ARG A 178 15.88 20.52 -2.67
C ARG A 178 14.57 21.19 -3.08
N LEU A 179 13.85 21.75 -2.12
CA LEU A 179 12.52 22.32 -2.39
C LEU A 179 12.31 23.78 -2.78
N PHE A 180 13.25 24.66 -2.45
CA PHE A 180 13.03 26.07 -2.77
C PHE A 180 14.14 26.75 -3.55
N ASN A 181 15.37 26.66 -3.05
CA ASN A 181 16.53 27.27 -3.69
C ASN A 181 17.70 26.30 -3.48
N PHE A 182 17.73 25.28 -4.34
CA PHE A 182 18.72 24.21 -4.29
C PHE A 182 20.15 24.58 -4.65
N THR A 183 20.33 25.51 -5.58
CA THR A 183 21.67 25.86 -6.01
C THR A 183 22.01 27.33 -5.93
N GLY A 184 21.06 28.13 -5.47
CA GLY A 184 21.29 29.58 -5.37
C GLY A 184 20.59 30.28 -6.52
N ALA A 185 20.09 29.51 -7.48
CA ALA A 185 19.38 30.06 -8.65
C ALA A 185 17.93 30.38 -8.32
N GLY A 186 17.52 30.03 -7.10
CA GLY A 186 16.16 30.29 -6.67
C GLY A 186 15.14 29.26 -7.12
N ASN A 187 15.62 28.08 -7.53
CA ASN A 187 14.73 27.01 -8.00
C ASN A 187 14.91 25.72 -7.23
N PRO A 188 13.87 24.87 -7.23
CA PRO A 188 13.96 23.58 -6.52
C PRO A 188 14.90 22.70 -7.34
N ASP A 189 15.29 21.56 -6.78
CA ASP A 189 16.16 20.61 -7.47
C ASP A 189 15.42 20.21 -8.75
N ALA A 190 16.02 20.47 -9.90
CA ALA A 190 15.39 20.16 -11.19
C ALA A 190 15.06 18.67 -11.39
N THR A 191 15.71 17.78 -10.66
CA THR A 191 15.44 16.34 -10.80
C THR A 191 14.25 15.83 -9.98
N LEU A 192 13.63 16.70 -9.19
CA LEU A 192 12.49 16.32 -8.36
C LEU A 192 11.15 16.49 -9.09
N GLU A 193 10.42 15.39 -9.27
CA GLU A 193 9.12 15.41 -9.96
C GLU A 193 8.20 16.45 -9.29
N THR A 194 7.55 17.29 -10.10
CA THR A 194 6.71 18.37 -9.59
C THR A 194 5.58 18.07 -8.61
N SER A 195 4.89 16.94 -8.78
N SER A 195 4.88 16.95 -8.77
CA SER A 195 3.81 16.59 -7.88
CA SER A 195 3.80 16.63 -7.84
C SER A 195 4.36 16.30 -6.49
C SER A 195 4.36 16.30 -6.47
N LEU A 196 5.49 15.59 -6.44
CA LEU A 196 6.12 15.25 -5.18
C LEU A 196 6.65 16.55 -4.58
N LEU A 197 7.27 17.37 -5.41
CA LEU A 197 7.81 18.65 -4.97
C LEU A 197 6.73 19.43 -4.23
N SER A 198 5.54 19.49 -4.81
CA SER A 198 4.42 20.21 -4.23
C SER A 198 4.04 19.67 -2.85
N ASN A 199 3.94 18.35 -2.72
N ASN A 199 3.94 18.34 -2.73
CA ASN A 199 3.59 17.76 -1.44
CA ASN A 199 3.58 17.72 -1.47
C ASN A 199 4.65 18.00 -0.40
C ASN A 199 4.65 17.96 -0.40
N LEU A 200 5.92 17.87 -0.79
CA LEU A 200 7.02 18.08 0.15
C LEU A 200 7.10 19.53 0.63
N GLN A 201 6.79 20.48 -0.24
CA GLN A 201 6.83 21.88 0.18
C GLN A 201 5.76 22.13 1.24
N THR A 202 4.68 21.36 1.20
CA THR A 202 3.61 21.49 2.20
C THR A 202 4.06 20.90 3.54
N VAL A 203 4.77 19.78 3.48
CA VAL A 203 5.27 19.10 4.67
C VAL A 203 6.42 19.89 5.31
N CYS A 204 7.22 20.53 4.48
CA CYS A 204 8.40 21.28 4.95
C CYS A 204 8.42 22.76 4.58
N PRO A 205 7.44 23.55 5.06
CA PRO A 205 7.46 24.97 4.71
C PRO A 205 8.66 25.71 5.30
N LEU A 206 9.15 26.71 4.58
CA LEU A 206 10.29 27.48 5.04
C LEU A 206 10.01 28.05 6.43
N GLY A 207 10.99 27.93 7.32
CA GLY A 207 10.85 28.42 8.68
C GLY A 207 10.03 27.54 9.61
N GLY A 208 9.55 26.41 9.11
CA GLY A 208 8.77 25.52 9.94
C GLY A 208 9.58 24.51 10.74
N ASN A 209 8.89 23.53 11.31
CA ASN A 209 9.52 22.46 12.10
C ASN A 209 10.29 21.49 11.19
N SER A 210 11.62 21.58 11.18
CA SER A 210 12.42 20.72 10.32
C SER A 210 12.55 19.27 10.77
N ASN A 211 11.94 18.92 11.89
CA ASN A 211 11.99 17.54 12.37
C ASN A 211 10.79 16.73 11.95
N ILE A 212 9.88 17.35 11.22
CA ILE A 212 8.70 16.65 10.72
C ILE A 212 9.28 15.73 9.65
N THR A 213 8.69 14.54 9.49
CA THR A 213 9.20 13.61 8.49
C THR A 213 8.24 13.34 7.34
N ALA A 214 8.79 12.71 6.30
CA ALA A 214 8.04 12.33 5.12
C ALA A 214 8.50 10.90 4.82
N PRO A 215 7.64 10.09 4.17
CA PRO A 215 8.00 8.70 3.85
C PRO A 215 9.11 8.64 2.81
N LEU A 216 10.10 7.78 3.03
CA LEU A 216 11.18 7.64 2.06
C LEU A 216 10.60 7.06 0.77
N ASP A 217 9.62 6.17 0.92
CA ASP A 217 8.97 5.55 -0.24
C ASP A 217 7.53 6.03 -0.28
N ARG A 218 7.25 6.91 -1.23
CA ARG A 218 5.93 7.47 -1.39
C ARG A 218 4.82 6.54 -1.87
N SER A 219 5.17 5.39 -2.42
N SER A 219 5.18 5.39 -2.42
CA SER A 219 4.16 4.45 -2.90
CA SER A 219 4.18 4.44 -2.92
C SER A 219 3.72 3.48 -1.81
C SER A 219 3.73 3.48 -1.81
N THR A 220 4.68 2.73 -1.25
CA THR A 220 4.36 1.79 -0.18
C THR A 220 5.28 2.11 1.00
N THR A 221 4.81 3.02 1.85
CA THR A 221 5.57 3.50 2.99
C THR A 221 6.15 2.46 3.95
N ASP A 222 5.38 1.42 4.24
CA ASP A 222 5.84 0.39 5.18
C ASP A 222 6.18 -0.98 4.58
N THR A 223 5.84 -1.21 3.31
CA THR A 223 6.11 -2.51 2.70
C THR A 223 7.49 -2.58 2.07
N PHE A 224 8.24 -3.63 2.40
CA PHE A 224 9.58 -3.80 1.84
C PHE A 224 9.43 -4.39 0.45
N ASP A 225 9.64 -3.56 -0.56
CA ASP A 225 9.51 -3.96 -1.95
C ASP A 225 10.42 -3.13 -2.87
N ASN A 226 10.38 -3.41 -4.17
CA ASN A 226 11.22 -2.68 -5.11
C ASN A 226 10.61 -1.35 -5.57
N ASN A 227 9.53 -0.95 -4.93
CA ASN A 227 8.88 0.30 -5.28
C ASN A 227 9.83 1.48 -5.12
N TYR A 228 10.84 1.34 -4.27
CA TYR A 228 11.81 2.42 -4.06
C TYR A 228 12.50 2.79 -5.38
N PHE A 229 12.89 1.77 -6.13
CA PHE A 229 13.57 1.97 -7.41
C PHE A 229 12.63 2.49 -8.48
N LYS A 230 11.39 2.02 -8.47
CA LYS A 230 10.41 2.48 -9.44
C LYS A 230 10.21 3.99 -9.27
N ASN A 231 10.26 4.45 -8.01
CA ASN A 231 10.12 5.87 -7.70
C ASN A 231 11.22 6.68 -8.41
N LEU A 232 12.45 6.17 -8.34
CA LEU A 232 13.58 6.87 -8.96
C LEU A 232 13.43 7.05 -10.46
N LEU A 233 12.86 6.07 -11.15
CA LEU A 233 12.68 6.19 -12.60
C LEU A 233 11.78 7.37 -12.95
N GLU A 234 10.95 7.78 -12.00
N GLU A 234 10.95 7.78 -12.00
CA GLU A 234 10.01 8.88 -12.20
CA GLU A 234 10.02 8.88 -12.20
C GLU A 234 10.48 10.16 -11.52
C GLU A 234 10.48 10.16 -11.51
N GLY A 235 11.69 10.13 -10.95
CA GLY A 235 12.22 11.29 -10.27
C GLY A 235 11.50 11.54 -8.96
N LYS A 236 11.07 10.47 -8.29
N LYS A 236 11.08 10.46 -8.31
CA LYS A 236 10.36 10.61 -7.02
CA LYS A 236 10.35 10.55 -7.05
C LYS A 236 11.13 10.11 -5.80
C LYS A 236 11.13 10.05 -5.84
N GLY A 237 12.45 10.13 -5.89
CA GLY A 237 13.26 9.70 -4.76
C GLY A 237 13.25 10.86 -3.76
N LEU A 238 13.18 10.58 -2.47
CA LEU A 238 13.13 11.65 -1.47
C LEU A 238 14.47 12.37 -1.20
N LEU A 239 15.52 11.62 -0.90
CA LEU A 239 16.83 12.23 -0.61
C LEU A 239 17.58 12.44 -1.92
N SER A 240 18.49 13.41 -1.97
CA SER A 240 19.29 13.62 -3.17
C SER A 240 20.08 12.34 -3.38
N SER A 241 20.56 11.76 -2.27
CA SER A 241 21.34 10.53 -2.33
C SER A 241 20.56 9.36 -2.91
N ASP A 242 19.24 9.49 -2.97
CA ASP A 242 18.41 8.45 -3.58
C ASP A 242 18.36 8.73 -5.09
N GLN A 243 17.85 9.91 -5.45
CA GLN A 243 17.70 10.28 -6.85
C GLN A 243 18.98 10.29 -7.69
N ILE A 244 20.12 10.60 -7.10
CA ILE A 244 21.36 10.62 -7.87
C ILE A 244 21.72 9.24 -8.43
N LEU A 245 21.16 8.19 -7.84
CA LEU A 245 21.44 6.83 -8.29
C LEU A 245 20.90 6.60 -9.70
N PHE A 246 19.97 7.45 -10.10
CA PHE A 246 19.36 7.34 -11.42
C PHE A 246 19.65 8.56 -12.30
N SER A 247 19.55 9.75 -11.72
CA SER A 247 19.71 11.01 -12.46
C SER A 247 21.07 11.68 -12.59
N SER A 248 22.04 11.34 -11.76
CA SER A 248 23.35 12.00 -11.84
C SER A 248 24.15 11.63 -13.08
N ASP A 249 25.11 12.48 -13.44
N ASP A 249 25.11 12.47 -13.45
CA ASP A 249 25.96 12.23 -14.60
CA ASP A 249 25.96 12.21 -14.61
C ASP A 249 26.75 10.94 -14.39
C ASP A 249 26.75 10.92 -14.38
N LEU A 250 27.26 10.76 -13.17
CA LEU A 250 28.03 9.56 -12.84
C LEU A 250 27.19 8.28 -12.88
N ALA A 251 25.92 8.39 -12.55
CA ALA A 251 25.04 7.22 -12.54
C ALA A 251 24.81 6.59 -13.91
N VAL A 252 24.78 7.41 -14.95
CA VAL A 252 24.51 6.93 -16.30
C VAL A 252 25.05 5.55 -16.62
N ASN A 253 26.36 5.35 -16.46
CA ASN A 253 26.94 4.07 -16.78
C ASN A 253 27.44 3.28 -15.58
N THR A 254 26.87 3.56 -14.42
CA THR A 254 27.24 2.85 -13.20
C THR A 254 25.98 2.30 -12.52
N THR A 255 25.36 3.12 -11.69
CA THR A 255 24.18 2.74 -10.92
C THR A 255 22.82 2.77 -11.65
N LYS A 256 22.68 3.67 -12.62
CA LYS A 256 21.43 3.80 -13.35
C LYS A 256 20.86 2.49 -13.87
N LYS A 257 21.67 1.67 -14.51
CA LYS A 257 21.17 0.40 -15.03
C LYS A 257 20.76 -0.57 -13.94
N LEU A 258 21.43 -0.51 -12.80
CA LEU A 258 21.10 -1.40 -11.70
C LEU A 258 19.73 -1.00 -11.16
N VAL A 259 19.50 0.30 -11.07
CA VAL A 259 18.22 0.82 -10.59
C VAL A 259 17.11 0.37 -11.53
N GLU A 260 17.39 0.38 -12.83
CA GLU A 260 16.39 -0.04 -13.80
C GLU A 260 16.13 -1.54 -13.72
N ALA A 261 17.17 -2.31 -13.44
CA ALA A 261 17.05 -3.76 -13.33
C ALA A 261 16.25 -4.15 -12.10
N TYR A 262 16.48 -3.48 -10.98
CA TYR A 262 15.73 -3.82 -9.77
C TYR A 262 14.27 -3.45 -9.97
N SER A 263 14.01 -2.41 -10.77
N SER A 263 14.00 -2.41 -10.77
CA SER A 263 12.64 -2.00 -11.03
CA SER A 263 12.63 -2.01 -11.02
C SER A 263 11.88 -3.05 -11.83
C SER A 263 11.88 -3.07 -11.82
N ARG A 264 12.59 -3.76 -12.72
CA ARG A 264 11.97 -4.80 -13.54
C ARG A 264 11.78 -6.11 -12.80
N SER A 265 12.68 -6.40 -11.86
CA SER A 265 12.64 -7.66 -11.13
C SER A 265 12.85 -7.49 -9.63
N GLN A 266 11.77 -7.66 -8.87
CA GLN A 266 11.88 -7.54 -7.43
C GLN A 266 12.64 -8.76 -6.89
N SER A 267 12.59 -9.89 -7.59
CA SER A 267 13.30 -11.08 -7.13
C SER A 267 14.81 -10.80 -7.21
N LEU A 268 15.23 -10.06 -8.23
CA LEU A 268 16.64 -9.72 -8.39
C LEU A 268 17.06 -8.79 -7.24
N PHE A 269 16.24 -7.79 -6.96
CA PHE A 269 16.52 -6.86 -5.88
C PHE A 269 16.66 -7.62 -4.55
N PHE A 270 15.69 -8.50 -4.29
CA PHE A 270 15.72 -9.27 -3.06
C PHE A 270 16.96 -10.16 -2.97
N ARG A 271 17.40 -10.74 -4.08
CA ARG A 271 18.59 -11.58 -4.05
C ARG A 271 19.84 -10.74 -3.73
N ASP A 272 20.00 -9.63 -4.44
CA ASP A 272 21.16 -8.77 -4.22
C ASP A 272 21.14 -8.11 -2.84
N PHE A 273 19.94 -7.80 -2.35
CA PHE A 273 19.80 -7.16 -1.04
C PHE A 273 20.25 -8.13 0.05
N THR A 274 19.84 -9.39 -0.04
N THR A 274 19.84 -9.38 -0.06
CA THR A 274 20.24 -10.37 0.94
CA THR A 274 20.22 -10.39 0.93
C THR A 274 21.75 -10.56 0.89
C THR A 274 21.74 -10.56 0.89
N CYS A 275 22.29 -10.60 -0.32
CA CYS A 275 23.73 -10.76 -0.51
C CYS A 275 24.51 -9.60 0.11
N ALA A 276 24.05 -8.37 -0.14
CA ALA A 276 24.70 -7.19 0.41
C ALA A 276 24.55 -7.14 1.92
N MET A 277 23.39 -7.51 2.44
CA MET A 277 23.19 -7.50 3.89
C MET A 277 24.15 -8.46 4.60
N ILE A 278 24.32 -9.65 4.05
CA ILE A 278 25.22 -10.63 4.66
C ILE A 278 26.66 -10.10 4.65
N ARG A 279 27.06 -9.50 3.53
CA ARG A 279 28.40 -8.93 3.40
C ARG A 279 28.59 -7.81 4.43
N MET A 280 27.60 -6.92 4.53
CA MET A 280 27.69 -5.80 5.49
C MET A 280 27.75 -6.35 6.91
N GLY A 281 26.98 -7.40 7.16
CA GLY A 281 26.99 -8.01 8.49
C GLY A 281 28.31 -8.71 8.82
N ASN A 282 29.19 -8.84 7.83
CA ASN A 282 30.48 -9.48 8.05
C ASN A 282 31.62 -8.50 8.31
N ILE A 283 31.31 -7.20 8.31
CA ILE A 283 32.34 -6.19 8.54
C ILE A 283 32.82 -6.25 10.00
N SER A 284 34.13 -6.31 10.18
CA SER A 284 34.72 -6.40 11.50
C SER A 284 36.03 -5.62 11.53
N ASN A 285 36.35 -4.99 12.66
CA ASN A 285 37.60 -4.24 12.74
C ASN A 285 38.68 -5.06 13.46
N GLY A 286 38.35 -6.32 13.76
CA GLY A 286 39.29 -7.21 14.41
C GLY A 286 39.76 -6.87 15.82
N ALA A 287 39.18 -5.84 16.42
CA ALA A 287 39.56 -5.42 17.76
C ALA A 287 39.06 -6.42 18.80
N SER A 288 39.62 -6.36 20.01
CA SER A 288 39.17 -7.27 21.06
C SER A 288 37.74 -6.90 21.46
N GLY A 289 36.98 -7.91 21.88
CA GLY A 289 35.60 -7.68 22.28
C GLY A 289 35.14 -8.58 23.42
N GLU A 290 33.83 -8.58 23.66
CA GLU A 290 33.23 -9.38 24.73
C GLU A 290 31.75 -9.56 24.46
N VAL A 291 31.07 -10.32 25.31
CA VAL A 291 29.63 -10.49 25.19
C VAL A 291 29.08 -9.47 26.18
N ARG A 292 28.63 -8.34 25.67
CA ARG A 292 28.11 -7.26 26.51
C ARG A 292 26.77 -7.66 27.13
N THR A 293 26.65 -7.51 28.45
CA THR A 293 25.41 -7.89 29.14
C THR A 293 24.35 -6.79 29.16
N ASN A 294 24.80 -5.53 29.08
CA ASN A 294 23.92 -4.37 29.03
C ASN A 294 24.48 -3.61 27.82
N CYS A 295 23.70 -3.51 26.75
CA CYS A 295 24.15 -2.88 25.51
C CYS A 295 24.67 -1.44 25.60
N ARG A 296 24.26 -0.69 26.60
CA ARG A 296 24.69 0.70 26.74
C ARG A 296 26.07 0.91 27.39
N VAL A 297 26.64 -0.12 27.98
CA VAL A 297 27.93 0.02 28.65
C VAL A 297 28.78 -1.25 28.60
N ILE A 298 30.11 -1.11 28.66
CA ILE A 298 30.98 -2.28 28.63
C ILE A 298 30.87 -3.04 29.95
N ASN A 299 31.27 -4.31 29.95
CA ASN A 299 31.17 -5.15 31.15
C ASN A 299 32.04 -4.78 32.33
N ASN A 300 33.26 -4.33 32.06
CA ASN A 300 34.18 -3.98 33.14
C ASN A 300 34.70 -2.56 33.03
N GLN B 1 -3.69 -18.76 -2.08
CA GLN B 1 -4.50 -19.70 -2.90
C GLN B 1 -5.93 -19.80 -2.38
N LEU B 2 -6.87 -19.20 -3.10
CA LEU B 2 -8.26 -19.22 -2.70
C LEU B 2 -8.96 -20.51 -3.14
N SER B 3 -10.00 -20.88 -2.40
CA SER B 3 -10.77 -22.09 -2.69
C SER B 3 -12.19 -21.96 -2.13
N PRO B 4 -13.19 -22.43 -2.89
CA PRO B 4 -14.58 -22.34 -2.42
C PRO B 4 -14.81 -23.14 -1.15
N ASP B 5 -13.97 -24.16 -0.94
CA ASP B 5 -14.10 -25.05 0.22
C ASP B 5 -13.15 -24.77 1.39
N ILE B 6 -12.53 -23.61 1.43
CA ILE B 6 -11.60 -23.30 2.52
C ILE B 6 -12.22 -23.40 3.91
N TYR B 7 -13.52 -23.12 4.03
CA TYR B 7 -14.21 -23.20 5.33
C TYR B 7 -15.11 -24.43 5.42
N ALA B 8 -14.89 -25.43 4.56
CA ALA B 8 -15.72 -26.62 4.56
C ALA B 8 -15.84 -27.28 5.93
N LYS B 9 -14.80 -27.16 6.75
CA LYS B 9 -14.80 -27.75 8.09
C LYS B 9 -15.15 -26.74 9.18
N SER B 10 -14.56 -25.54 9.07
CA SER B 10 -14.77 -24.49 10.06
C SER B 10 -16.09 -23.72 9.99
N CYS B 11 -16.69 -23.60 8.80
CA CYS B 11 -17.97 -22.89 8.65
C CYS B 11 -18.68 -23.42 7.41
N PRO B 12 -19.17 -24.67 7.46
CA PRO B 12 -19.87 -25.33 6.35
C PRO B 12 -21.06 -24.58 5.75
N ASN B 13 -21.84 -23.89 6.59
N ASN B 13 -21.83 -23.89 6.59
CA ASN B 13 -23.03 -23.17 6.13
CA ASN B 13 -23.02 -23.17 6.13
C ASN B 13 -22.79 -21.71 5.74
C ASN B 13 -22.80 -21.71 5.72
N LEU B 14 -21.53 -21.29 5.67
CA LEU B 14 -21.23 -19.89 5.31
C LEU B 14 -22.07 -19.27 4.18
N VAL B 15 -22.06 -19.91 3.01
CA VAL B 15 -22.81 -19.37 1.88
C VAL B 15 -24.29 -19.08 2.14
N GLN B 16 -24.99 -20.04 2.75
N GLN B 16 -24.99 -20.05 2.75
CA GLN B 16 -26.41 -19.86 3.04
CA GLN B 16 -26.40 -19.89 3.07
C GLN B 16 -26.65 -18.75 4.07
C GLN B 16 -26.63 -18.74 4.05
N ILE B 17 -25.78 -18.68 5.08
CA ILE B 17 -25.91 -17.64 6.10
C ILE B 17 -25.84 -16.25 5.48
N VAL B 18 -24.85 -16.02 4.63
CA VAL B 18 -24.71 -14.72 4.00
C VAL B 18 -25.89 -14.42 3.07
N ARG B 19 -26.30 -15.39 2.26
N ARG B 19 -26.29 -15.40 2.26
CA ARG B 19 -27.41 -15.17 1.34
CA ARG B 19 -27.40 -15.21 1.34
C ARG B 19 -28.68 -14.73 2.05
C ARG B 19 -28.69 -14.75 2.03
N LYS B 20 -29.03 -15.37 3.16
CA LYS B 20 -30.25 -15.00 3.90
C LYS B 20 -30.17 -13.54 4.33
N GLN B 21 -29.02 -13.15 4.86
CA GLN B 21 -28.84 -11.79 5.34
C GLN B 21 -28.87 -10.77 4.21
N VAL B 22 -28.31 -11.12 3.06
CA VAL B 22 -28.35 -10.18 1.95
C VAL B 22 -29.79 -10.03 1.47
N ALA B 23 -30.53 -11.14 1.47
CA ALA B 23 -31.93 -11.10 1.04
C ALA B 23 -32.75 -10.22 1.98
N ILE B 24 -32.45 -10.27 3.27
CA ILE B 24 -33.17 -9.47 4.25
C ILE B 24 -32.88 -7.98 4.03
N ALA B 25 -31.61 -7.67 3.80
CA ALA B 25 -31.21 -6.29 3.58
C ALA B 25 -31.84 -5.69 2.32
N LEU B 26 -31.89 -6.46 1.24
N LEU B 26 -31.89 -6.46 1.24
CA LEU B 26 -32.47 -5.96 0.00
CA LEU B 26 -32.47 -5.97 -0.01
C LEU B 26 -33.97 -5.72 0.12
C LEU B 26 -33.97 -5.73 0.12
N LYS B 27 -34.66 -6.57 0.88
N LYS B 27 -34.65 -6.57 0.89
CA LYS B 27 -36.09 -6.40 1.05
CA LYS B 27 -36.09 -6.41 1.08
C LYS B 27 -36.37 -5.05 1.71
C LYS B 27 -36.39 -5.07 1.75
N ALA B 28 -35.53 -4.68 2.68
CA ALA B 28 -35.69 -3.42 3.39
C ALA B 28 -35.29 -2.23 2.52
N GLU B 29 -34.23 -2.39 1.72
CA GLU B 29 -33.79 -1.33 0.83
C GLU B 29 -33.14 -1.95 -0.40
N ILE B 30 -33.86 -1.96 -1.51
CA ILE B 30 -33.35 -2.57 -2.73
C ILE B 30 -32.02 -1.97 -3.21
N ARG B 31 -31.84 -0.67 -3.03
CA ARG B 31 -30.59 -0.02 -3.46
C ARG B 31 -29.34 -0.64 -2.82
N MET B 32 -29.50 -1.26 -1.65
N MET B 32 -29.51 -1.26 -1.66
CA MET B 32 -28.39 -1.87 -0.95
CA MET B 32 -28.38 -1.88 -0.95
C MET B 32 -27.64 -2.90 -1.78
C MET B 32 -27.63 -2.90 -1.80
N ALA B 33 -28.31 -3.49 -2.77
CA ALA B 33 -27.68 -4.48 -3.64
C ALA B 33 -26.53 -3.78 -4.38
N ALA B 34 -26.84 -2.60 -4.91
CA ALA B 34 -25.87 -1.79 -5.63
C ALA B 34 -24.79 -1.29 -4.68
N SER B 35 -25.21 -0.83 -3.51
CA SER B 35 -24.27 -0.30 -2.52
C SER B 35 -23.24 -1.34 -2.11
N LEU B 36 -23.68 -2.57 -1.90
CA LEU B 36 -22.78 -3.64 -1.47
C LEU B 36 -21.68 -3.99 -2.48
N ILE B 37 -22.05 -4.13 -3.76
CA ILE B 37 -21.03 -4.46 -4.74
C ILE B 37 -20.06 -3.30 -4.92
N ARG B 38 -20.54 -2.06 -4.77
CA ARG B 38 -19.62 -0.94 -4.91
C ARG B 38 -18.58 -1.01 -3.79
N LEU B 39 -19.00 -1.45 -2.60
CA LEU B 39 -18.07 -1.57 -1.48
C LEU B 39 -16.96 -2.55 -1.84
N HIS B 40 -17.32 -3.65 -2.49
CA HIS B 40 -16.35 -4.67 -2.88
C HIS B 40 -15.34 -4.05 -3.85
N PHE B 41 -15.83 -3.30 -4.83
CA PHE B 41 -14.99 -2.62 -5.82
C PHE B 41 -13.98 -1.69 -5.10
N HIS B 42 -14.48 -0.79 -4.27
CA HIS B 42 -13.59 0.12 -3.57
C HIS B 42 -12.65 -0.56 -2.59
N ASP B 43 -13.01 -1.76 -2.15
CA ASP B 43 -12.12 -2.49 -1.25
C ASP B 43 -10.96 -3.04 -2.08
N CYS B 44 -11.30 -3.79 -3.12
CA CYS B 44 -10.29 -4.40 -3.97
C CYS B 44 -9.29 -3.47 -4.68
N PHE B 45 -9.69 -2.24 -4.98
CA PHE B 45 -8.79 -1.30 -5.66
C PHE B 45 -7.83 -0.56 -4.70
N VAL B 46 -7.92 -0.87 -3.41
CA VAL B 46 -7.03 -0.23 -2.44
C VAL B 46 -6.44 -1.26 -1.48
N ASN B 47 -5.14 -1.53 -1.62
CA ASN B 47 -4.46 -2.53 -0.79
C ASN B 47 -5.07 -3.92 -0.98
N GLY B 48 -5.73 -4.13 -2.12
CA GLY B 48 -6.33 -5.41 -2.40
C GLY B 48 -7.66 -5.66 -1.70
N CYS B 49 -8.30 -6.77 -2.03
CA CYS B 49 -9.58 -7.12 -1.43
C CYS B 49 -9.27 -7.63 -0.03
N ASP B 50 -9.14 -6.71 0.91
CA ASP B 50 -8.77 -7.06 2.28
C ASP B 50 -9.62 -6.34 3.33
N ALA B 51 -10.79 -5.89 2.92
CA ALA B 51 -11.71 -5.20 3.81
C ALA B 51 -11.10 -3.97 4.51
N SER B 52 -10.04 -3.41 3.92
CA SER B 52 -9.40 -2.24 4.53
C SER B 52 -10.37 -1.06 4.58
N LEU B 53 -11.27 -1.00 3.60
CA LEU B 53 -12.27 0.06 3.54
C LEU B 53 -13.24 0.05 4.72
N LEU B 54 -13.43 -1.12 5.32
CA LEU B 54 -14.36 -1.24 6.45
C LEU B 54 -13.83 -0.69 7.78
N LEU B 55 -12.53 -0.41 7.84
CA LEU B 55 -11.93 0.11 9.07
C LEU B 55 -12.32 1.56 9.33
N ASP B 56 -12.67 1.85 10.59
CA ASP B 56 -13.02 3.21 10.99
C ASP B 56 -11.75 3.87 11.51
N GLY B 57 -11.83 5.16 11.82
CA GLY B 57 -10.66 5.86 12.32
C GLY B 57 -10.49 7.21 11.68
N ALA B 58 -9.61 8.04 12.24
CA ALA B 58 -9.38 9.39 11.71
C ALA B 58 -8.81 9.36 10.31
N ASP B 59 -8.04 8.32 10.01
N ASP B 59 -8.03 8.32 10.01
CA ASP B 59 -7.40 8.17 8.70
CA ASP B 59 -7.41 8.17 8.69
C ASP B 59 -8.12 7.10 7.87
C ASP B 59 -8.12 7.10 7.87
N SER B 60 -9.38 6.86 8.18
CA SER B 60 -10.17 5.86 7.47
C SER B 60 -10.32 6.14 5.98
N GLU B 61 -10.44 5.07 5.19
CA GLU B 61 -10.64 5.22 3.75
C GLU B 61 -12.05 5.75 3.52
N LYS B 62 -12.91 5.64 4.53
CA LYS B 62 -14.29 6.11 4.40
C LYS B 62 -14.34 7.62 4.21
N LEU B 63 -13.27 8.29 4.61
CA LEU B 63 -13.20 9.74 4.49
C LEU B 63 -12.50 10.20 3.21
N ALA B 64 -12.01 9.26 2.42
CA ALA B 64 -11.34 9.63 1.17
C ALA B 64 -12.34 10.34 0.26
N ILE B 65 -11.84 11.20 -0.61
CA ILE B 65 -12.68 11.98 -1.53
C ILE B 65 -13.82 11.22 -2.20
N PRO B 66 -13.53 10.05 -2.81
CA PRO B 66 -14.62 9.32 -3.45
C PRO B 66 -15.56 8.52 -2.53
N ASN B 67 -15.14 8.27 -1.29
CA ASN B 67 -15.96 7.52 -0.34
C ASN B 67 -16.82 8.35 0.61
N ILE B 68 -16.31 9.49 1.05
CA ILE B 68 -17.03 10.35 1.98
C ILE B 68 -18.40 10.79 1.43
N ASN B 69 -19.43 10.71 2.26
CA ASN B 69 -20.78 11.09 1.85
C ASN B 69 -21.13 10.39 0.54
N SER B 70 -20.71 9.12 0.43
CA SER B 70 -20.95 8.36 -0.79
C SER B 70 -21.04 6.85 -0.55
N ALA B 71 -19.98 6.26 -0.02
CA ALA B 71 -19.98 4.82 0.24
C ALA B 71 -21.03 4.51 1.30
N ARG B 72 -21.72 3.38 1.16
CA ARG B 72 -22.76 3.01 2.13
C ARG B 72 -22.94 1.50 2.22
N GLY B 73 -23.66 1.06 3.26
CA GLY B 73 -23.90 -0.35 3.46
C GLY B 73 -23.08 -0.93 4.61
N PHE B 74 -22.35 -0.07 5.31
CA PHE B 74 -21.52 -0.54 6.41
C PHE B 74 -22.29 -1.22 7.53
N GLU B 75 -23.49 -0.72 7.85
CA GLU B 75 -24.30 -1.32 8.90
C GLU B 75 -24.82 -2.70 8.47
N VAL B 76 -25.12 -2.83 7.18
CA VAL B 76 -25.61 -4.11 6.67
C VAL B 76 -24.49 -5.14 6.75
N ILE B 77 -23.26 -4.72 6.47
CA ILE B 77 -22.13 -5.63 6.56
C ILE B 77 -21.96 -6.08 8.00
N ASP B 78 -22.16 -5.17 8.96
CA ASP B 78 -22.03 -5.53 10.37
C ASP B 78 -23.05 -6.62 10.71
N THR B 79 -24.26 -6.49 10.18
CA THR B 79 -25.32 -7.45 10.44
C THR B 79 -25.00 -8.83 9.86
N ILE B 80 -24.49 -8.85 8.63
CA ILE B 80 -24.12 -10.10 7.99
C ILE B 80 -22.99 -10.75 8.78
N LYS B 81 -21.97 -9.96 9.09
CA LYS B 81 -20.82 -10.44 9.84
C LYS B 81 -21.24 -11.01 11.19
N ALA B 82 -22.15 -10.32 11.86
CA ALA B 82 -22.63 -10.77 13.18
C ALA B 82 -23.29 -12.14 13.07
N ALA B 83 -24.10 -12.33 12.04
CA ALA B 83 -24.78 -13.61 11.83
C ALA B 83 -23.74 -14.70 11.61
N VAL B 84 -22.70 -14.38 10.85
CA VAL B 84 -21.65 -15.35 10.57
C VAL B 84 -20.84 -15.69 11.81
N GLU B 85 -20.53 -14.68 12.62
CA GLU B 85 -19.77 -14.89 13.84
C GLU B 85 -20.56 -15.72 14.85
N ASN B 86 -21.88 -15.54 14.86
CA ASN B 86 -22.73 -16.29 15.78
C ASN B 86 -22.64 -17.78 15.45
N ALA B 87 -22.63 -18.09 14.16
CA ALA B 87 -22.56 -19.48 13.69
C ALA B 87 -21.14 -20.05 13.71
N CYS B 88 -20.16 -19.23 13.35
N CYS B 88 -20.15 -19.24 13.35
CA CYS B 88 -18.75 -19.65 13.30
CA CYS B 88 -18.79 -19.73 13.36
C CYS B 88 -17.79 -18.60 13.83
C CYS B 88 -17.79 -18.67 13.83
N PRO B 89 -17.70 -18.47 15.16
CA PRO B 89 -16.81 -17.50 15.81
C PRO B 89 -15.35 -17.48 15.36
N GLY B 90 -14.92 -16.29 14.93
CA GLY B 90 -13.56 -16.06 14.50
C GLY B 90 -13.04 -16.81 13.29
N VAL B 91 -13.95 -17.32 12.46
CA VAL B 91 -13.56 -18.09 11.29
C VAL B 91 -13.47 -17.39 9.94
N VAL B 92 -14.53 -16.68 9.56
CA VAL B 92 -14.60 -16.04 8.26
C VAL B 92 -14.18 -14.57 8.22
N SER B 93 -13.36 -14.22 7.22
CA SER B 93 -12.88 -12.86 7.06
C SER B 93 -13.92 -11.88 6.52
N CYS B 94 -13.76 -10.61 6.86
CA CYS B 94 -14.69 -9.59 6.38
C CYS B 94 -14.48 -9.44 4.88
N ALA B 95 -13.26 -9.68 4.43
CA ALA B 95 -12.94 -9.58 3.02
C ALA B 95 -13.77 -10.59 2.23
N ASP B 96 -13.91 -11.81 2.76
CA ASP B 96 -14.69 -12.84 2.10
C ASP B 96 -16.19 -12.56 2.17
N ILE B 97 -16.65 -12.05 3.31
CA ILE B 97 -18.07 -11.74 3.48
C ILE B 97 -18.49 -10.65 2.49
N LEU B 98 -17.62 -9.67 2.26
N LEU B 98 -17.62 -9.67 2.26
CA LEU B 98 -17.92 -8.60 1.33
CA LEU B 98 -17.92 -8.60 1.33
C LEU B 98 -17.98 -9.15 -0.10
C LEU B 98 -17.98 -9.16 -0.10
N THR B 99 -17.10 -10.10 -0.39
CA THR B 99 -17.06 -10.72 -1.72
C THR B 99 -18.36 -11.49 -1.99
N LEU B 100 -18.77 -12.33 -1.03
CA LEU B 100 -20.00 -13.10 -1.17
C LEU B 100 -21.23 -12.19 -1.27
N ALA B 101 -21.28 -11.16 -0.43
CA ALA B 101 -22.42 -10.23 -0.42
C ALA B 101 -22.55 -9.51 -1.77
N ALA B 102 -21.42 -9.21 -2.40
CA ALA B 102 -21.41 -8.56 -3.69
C ALA B 102 -22.04 -9.50 -4.73
N ARG B 103 -21.59 -10.75 -4.72
CA ARG B 103 -22.10 -11.77 -5.64
C ARG B 103 -23.60 -12.00 -5.43
N ASP B 104 -24.01 -12.13 -4.16
CA ASP B 104 -25.42 -12.35 -3.85
C ASP B 104 -26.31 -11.20 -4.28
N SER B 105 -25.78 -9.98 -4.17
CA SER B 105 -26.51 -8.78 -4.57
C SER B 105 -26.84 -8.82 -6.04
N VAL B 106 -25.88 -9.27 -6.85
CA VAL B 106 -26.06 -9.37 -8.29
C VAL B 106 -27.10 -10.44 -8.62
N VAL B 107 -26.93 -11.63 -8.03
CA VAL B 107 -27.85 -12.73 -8.24
C VAL B 107 -29.30 -12.39 -7.86
N LEU B 108 -29.49 -11.83 -6.67
CA LEU B 108 -30.82 -11.46 -6.21
C LEU B 108 -31.44 -10.33 -7.00
N SER B 109 -30.64 -9.67 -7.84
CA SER B 109 -31.12 -8.56 -8.66
C SER B 109 -31.38 -9.01 -10.10
N GLY B 110 -31.30 -10.31 -10.33
CA GLY B 110 -31.52 -10.86 -11.66
C GLY B 110 -30.26 -11.09 -12.47
N GLY B 111 -29.11 -10.82 -11.88
CA GLY B 111 -27.85 -11.00 -12.60
C GLY B 111 -27.28 -12.40 -12.56
N PRO B 112 -26.12 -12.62 -13.20
CA PRO B 112 -25.47 -13.93 -13.23
C PRO B 112 -24.84 -14.32 -11.89
N GLY B 113 -24.73 -15.61 -11.64
CA GLY B 113 -24.12 -16.08 -10.42
C GLY B 113 -22.84 -16.80 -10.76
N TRP B 114 -21.97 -16.98 -9.78
CA TRP B 114 -20.70 -17.68 -10.00
C TRP B 114 -20.22 -18.20 -8.66
N ARG B 115 -19.42 -19.26 -8.68
CA ARG B 115 -18.90 -19.85 -7.44
C ARG B 115 -17.71 -19.04 -6.92
N VAL B 116 -17.89 -18.41 -5.77
CA VAL B 116 -16.86 -17.59 -5.16
C VAL B 116 -15.76 -18.39 -4.47
N ALA B 117 -14.50 -18.04 -4.75
CA ALA B 117 -13.36 -18.70 -4.14
C ALA B 117 -13.10 -17.91 -2.86
N LEU B 118 -12.87 -18.61 -1.75
CA LEU B 118 -12.68 -17.96 -0.46
C LEU B 118 -11.29 -18.14 0.14
N GLY B 119 -11.01 -17.38 1.20
CA GLY B 119 -9.72 -17.47 1.87
C GLY B 119 -8.94 -16.17 1.95
N ARG B 120 -9.58 -15.06 1.59
CA ARG B 120 -8.93 -13.75 1.65
C ARG B 120 -8.70 -13.38 3.11
N LYS B 121 -7.62 -12.64 3.37
CA LYS B 121 -7.32 -12.20 4.73
C LYS B 121 -7.68 -10.72 4.87
N ASP B 122 -7.97 -10.30 6.10
CA ASP B 122 -8.29 -8.90 6.35
C ASP B 122 -7.02 -8.12 6.65
N GLY B 123 -6.85 -6.99 5.98
CA GLY B 123 -5.68 -6.16 6.16
C GLY B 123 -5.65 -5.51 7.54
N LEU B 124 -4.49 -4.97 7.91
CA LEU B 124 -4.33 -4.36 9.22
C LEU B 124 -4.32 -2.83 9.21
N VAL B 125 -4.40 -2.22 8.03
CA VAL B 125 -4.41 -0.76 7.94
C VAL B 125 -5.26 -0.23 6.80
N ALA B 126 -5.66 1.03 6.93
CA ALA B 126 -6.44 1.71 5.91
C ALA B 126 -5.44 2.44 5.03
N ASN B 127 -5.80 2.71 3.78
CA ASN B 127 -4.91 3.45 2.89
C ASN B 127 -5.74 4.55 2.25
N GLN B 128 -5.93 5.63 2.99
CA GLN B 128 -6.74 6.75 2.50
C GLN B 128 -6.18 7.40 1.23
N ASN B 129 -4.87 7.56 1.18
N ASN B 129 -4.87 7.55 1.18
CA ASN B 129 -4.25 8.17 0.00
CA ASN B 129 -4.21 8.15 0.02
C ASN B 129 -4.57 7.40 -1.28
C ASN B 129 -4.56 7.40 -1.26
N SER B 130 -4.48 6.07 -1.21
CA SER B 130 -4.77 5.24 -2.36
C SER B 130 -6.25 5.33 -2.72
N ALA B 131 -7.11 5.45 -1.71
CA ALA B 131 -8.54 5.57 -1.96
C ALA B 131 -8.83 6.86 -2.72
N ASN B 132 -8.05 7.92 -2.46
CA ASN B 132 -8.26 9.18 -3.17
C ASN B 132 -7.90 9.00 -4.65
N ASN B 133 -7.23 7.90 -4.97
CA ASN B 133 -6.81 7.62 -6.34
C ASN B 133 -7.78 6.70 -7.09
N LEU B 134 -8.91 6.37 -6.47
CA LEU B 134 -9.89 5.52 -7.12
C LEU B 134 -10.37 6.20 -8.41
N PRO B 135 -10.93 5.42 -9.35
CA PRO B 135 -11.41 6.00 -10.61
C PRO B 135 -12.42 7.14 -10.34
N SER B 136 -12.33 8.20 -11.14
CA SER B 136 -13.20 9.37 -11.02
C SER B 136 -14.14 9.52 -12.20
N PRO B 137 -15.38 9.95 -11.95
CA PRO B 137 -16.35 10.12 -13.04
C PRO B 137 -15.99 11.29 -13.95
N PHE B 138 -15.04 12.12 -13.52
CA PHE B 138 -14.62 13.29 -14.28
C PHE B 138 -13.37 13.12 -15.12
N GLU B 139 -12.62 12.02 -14.92
CA GLU B 139 -11.39 11.85 -15.69
C GLU B 139 -11.56 11.16 -17.04
N PRO B 140 -10.61 11.39 -17.97
CA PRO B 140 -10.64 10.81 -19.32
C PRO B 140 -10.56 9.29 -19.30
N LEU B 141 -11.05 8.67 -20.37
CA LEU B 141 -11.05 7.22 -20.49
C LEU B 141 -9.68 6.59 -20.33
N ASP B 142 -8.63 7.22 -20.89
CA ASP B 142 -7.30 6.65 -20.79
C ASP B 142 -6.82 6.59 -19.34
N ALA B 143 -7.19 7.58 -18.54
CA ALA B 143 -6.80 7.62 -17.13
C ALA B 143 -7.50 6.53 -16.32
N ILE B 144 -8.77 6.27 -16.63
CA ILE B 144 -9.51 5.22 -15.93
C ILE B 144 -8.91 3.86 -16.28
N ILE B 145 -8.61 3.67 -17.56
CA ILE B 145 -8.02 2.41 -18.00
C ILE B 145 -6.69 2.18 -17.30
N ALA B 146 -5.90 3.24 -17.16
CA ALA B 146 -4.61 3.12 -16.49
C ALA B 146 -4.77 2.67 -15.04
N LYS B 147 -5.83 3.15 -14.38
CA LYS B 147 -6.06 2.76 -12.98
C LYS B 147 -6.40 1.28 -12.87
N PHE B 148 -7.03 0.72 -13.90
CA PHE B 148 -7.36 -0.70 -13.88
C PHE B 148 -6.09 -1.52 -14.18
N VAL B 149 -5.31 -1.06 -15.15
CA VAL B 149 -4.08 -1.73 -15.51
C VAL B 149 -3.14 -1.77 -14.32
N ALA B 150 -3.22 -0.74 -13.47
CA ALA B 150 -2.39 -0.65 -12.29
C ALA B 150 -2.67 -1.79 -11.30
N VAL B 151 -3.86 -2.37 -11.37
CA VAL B 151 -4.19 -3.50 -10.48
C VAL B 151 -4.33 -4.79 -11.27
N ASN B 152 -3.62 -4.87 -12.40
N ASN B 152 -3.63 -4.83 -12.41
CA ASN B 152 -3.63 -6.05 -13.26
CA ASN B 152 -3.61 -5.97 -13.30
C ASN B 152 -4.96 -6.35 -13.95
C ASN B 152 -4.92 -6.33 -13.98
N LEU B 153 -5.78 -5.32 -14.16
CA LEU B 153 -7.06 -5.53 -14.84
C LEU B 153 -6.81 -4.82 -16.18
N ASN B 154 -7.70 -5.01 -17.15
CA ASN B 154 -7.52 -4.37 -18.45
C ASN B 154 -8.79 -3.71 -19.01
N ILE B 155 -8.70 -3.21 -20.23
CA ILE B 155 -9.81 -2.53 -20.88
C ILE B 155 -11.12 -3.32 -20.92
N THR B 156 -11.06 -4.62 -21.10
CA THR B 156 -12.31 -5.37 -21.11
C THR B 156 -12.94 -5.37 -19.72
N ASP B 157 -12.11 -5.45 -18.68
CA ASP B 157 -12.62 -5.43 -17.32
C ASP B 157 -13.30 -4.08 -17.07
N VAL B 158 -12.71 -3.02 -17.62
CA VAL B 158 -13.27 -1.68 -17.47
C VAL B 158 -14.71 -1.61 -17.99
N VAL B 159 -14.93 -2.05 -19.21
CA VAL B 159 -16.24 -2.00 -19.84
C VAL B 159 -17.27 -2.92 -19.16
N ALA B 160 -16.87 -4.16 -18.90
CA ALA B 160 -17.77 -5.12 -18.28
C ALA B 160 -18.15 -4.70 -16.86
N LEU B 161 -17.15 -4.33 -16.05
CA LEU B 161 -17.42 -3.92 -14.68
C LEU B 161 -18.18 -2.59 -14.60
N SER B 162 -18.04 -1.74 -15.61
CA SER B 162 -18.78 -0.48 -15.59
C SER B 162 -20.26 -0.86 -15.71
N GLY B 163 -20.50 -2.08 -16.16
CA GLY B 163 -21.87 -2.57 -16.30
C GLY B 163 -22.59 -2.66 -14.98
N ALA B 164 -21.85 -2.57 -13.87
CA ALA B 164 -22.48 -2.62 -12.55
C ALA B 164 -23.39 -1.40 -12.36
N HIS B 165 -23.25 -0.42 -13.25
CA HIS B 165 -24.09 0.77 -13.16
C HIS B 165 -25.47 0.50 -13.73
N THR B 166 -25.78 -0.79 -13.91
CA THR B 166 -27.09 -1.19 -14.42
C THR B 166 -28.11 -1.07 -13.29
N PHE B 167 -27.61 -0.84 -12.07
CA PHE B 167 -28.50 -0.61 -10.93
C PHE B 167 -27.84 0.37 -9.97
N GLY B 168 -28.61 0.88 -9.01
CA GLY B 168 -28.04 1.84 -8.07
C GLY B 168 -28.26 3.30 -8.43
N GLN B 169 -27.76 4.19 -7.58
CA GLN B 169 -27.91 5.64 -7.74
C GLN B 169 -26.59 6.40 -7.85
N ALA B 170 -26.70 7.67 -8.25
CA ALA B 170 -25.56 8.59 -8.35
C ALA B 170 -26.10 9.97 -7.95
N LYS B 171 -25.38 10.67 -7.09
CA LYS B 171 -25.81 12.00 -6.63
C LYS B 171 -25.59 13.08 -7.68
N CYS B 172 -26.43 14.10 -7.63
CA CYS B 172 -26.33 15.22 -8.55
C CYS B 172 -24.91 15.74 -8.69
N ALA B 173 -24.21 15.85 -7.55
CA ALA B 173 -22.85 16.36 -7.52
C ALA B 173 -21.84 15.70 -8.46
N VAL B 174 -22.05 14.43 -8.83
CA VAL B 174 -21.09 13.77 -9.72
C VAL B 174 -21.46 13.82 -11.21
N PHE B 175 -22.56 14.49 -11.55
CA PHE B 175 -22.94 14.61 -12.95
C PHE B 175 -23.64 15.91 -13.32
N SER B 176 -23.99 16.74 -12.33
CA SER B 176 -24.68 17.99 -12.64
C SER B 176 -23.85 18.94 -13.51
N ASN B 177 -22.54 18.78 -13.49
CA ASN B 177 -21.65 19.63 -14.31
C ASN B 177 -21.91 19.44 -15.81
N ARG B 178 -22.55 18.34 -16.17
CA ARG B 178 -22.86 18.06 -17.58
C ARG B 178 -24.16 18.73 -18.01
N LEU B 179 -24.92 19.22 -17.04
CA LEU B 179 -26.24 19.79 -17.32
C LEU B 179 -26.45 21.24 -17.71
N PHE B 180 -25.56 22.14 -17.32
CA PHE B 180 -25.80 23.55 -17.65
C PHE B 180 -24.69 24.23 -18.45
N ASN B 181 -23.47 24.15 -17.94
CA ASN B 181 -22.31 24.75 -18.60
C ASN B 181 -21.13 23.82 -18.39
N PHE B 182 -21.11 22.77 -19.20
CA PHE B 182 -20.10 21.70 -19.15
C PHE B 182 -18.66 22.07 -19.52
N THR B 183 -18.49 23.01 -20.45
CA THR B 183 -17.15 23.37 -20.89
C THR B 183 -16.80 24.84 -20.77
N GLY B 184 -17.78 25.66 -20.38
CA GLY B 184 -17.53 27.09 -20.27
C GLY B 184 -18.20 27.81 -21.44
N ALA B 185 -18.65 27.01 -22.41
CA ALA B 185 -19.32 27.55 -23.59
C ALA B 185 -20.79 27.85 -23.26
N GLY B 186 -21.18 27.52 -22.03
CA GLY B 186 -22.54 27.76 -21.59
C GLY B 186 -23.59 26.74 -22.01
N ASN B 187 -23.16 25.56 -22.43
CA ASN B 187 -24.11 24.52 -22.86
C ASN B 187 -23.91 23.22 -22.12
N PRO B 188 -24.94 22.36 -22.12
CA PRO B 188 -24.83 21.07 -21.43
C PRO B 188 -23.84 20.21 -22.24
N ASP B 189 -23.47 19.06 -21.70
CA ASP B 189 -22.57 18.13 -22.38
C ASP B 189 -23.30 17.74 -23.67
N ALA B 190 -22.65 17.96 -24.82
CA ALA B 190 -23.27 17.65 -26.11
C ALA B 190 -23.62 16.17 -26.33
N THR B 191 -23.00 15.27 -25.56
CA THR B 191 -23.26 13.84 -25.72
C THR B 191 -24.44 13.32 -24.90
N LEU B 192 -25.05 14.21 -24.13
CA LEU B 192 -26.20 13.85 -23.30
C LEU B 192 -27.50 14.02 -24.08
N GLU B 193 -28.27 12.94 -24.23
CA GLU B 193 -29.54 12.95 -24.95
C GLU B 193 -30.48 13.97 -24.29
N THR B 194 -31.10 14.81 -25.11
CA THR B 194 -31.97 15.89 -24.64
C THR B 194 -33.14 15.58 -23.69
N SER B 195 -33.83 14.47 -23.89
N SER B 195 -33.83 14.47 -23.88
CA SER B 195 -34.94 14.11 -23.00
CA SER B 195 -34.94 14.13 -23.00
C SER B 195 -34.40 13.83 -21.60
C SER B 195 -34.40 13.84 -21.61
N LEU B 196 -33.31 13.09 -21.54
CA LEU B 196 -32.68 12.77 -20.25
C LEU B 196 -32.15 14.05 -19.63
N LEU B 197 -31.55 14.90 -20.47
CA LEU B 197 -31.01 16.17 -20.01
C LEU B 197 -32.08 16.96 -19.27
N SER B 198 -33.27 17.04 -19.88
CA SER B 198 -34.39 17.76 -19.29
C SER B 198 -34.81 17.23 -17.92
N ASN B 199 -34.92 15.90 -17.81
N ASN B 199 -34.93 15.90 -17.81
CA ASN B 199 -35.30 15.27 -16.56
CA ASN B 199 -35.32 15.28 -16.56
C ASN B 199 -34.25 15.55 -15.49
C ASN B 199 -34.25 15.52 -15.48
N LEU B 200 -32.99 15.39 -15.84
CA LEU B 200 -31.89 15.62 -14.90
C LEU B 200 -31.80 17.06 -14.41
N GLN B 201 -32.08 18.02 -15.29
CA GLN B 201 -32.02 19.42 -14.90
C GLN B 201 -33.08 19.68 -13.84
N THR B 202 -34.19 18.93 -13.91
CA THR B 202 -35.27 19.07 -12.94
C THR B 202 -34.88 18.44 -11.62
N VAL B 203 -34.19 17.31 -11.68
CA VAL B 203 -33.74 16.61 -10.48
C VAL B 203 -32.60 17.39 -9.80
N CYS B 204 -31.76 18.03 -10.60
CA CYS B 204 -30.61 18.77 -10.11
C CYS B 204 -30.54 20.26 -10.45
N PRO B 205 -31.53 21.05 -9.99
CA PRO B 205 -31.50 22.49 -10.31
C PRO B 205 -30.31 23.21 -9.68
N LEU B 206 -29.78 24.21 -10.39
CA LEU B 206 -28.65 24.97 -9.88
C LEU B 206 -28.99 25.56 -8.52
N GLY B 207 -28.06 25.43 -7.58
CA GLY B 207 -28.28 25.94 -6.24
C GLY B 207 -29.08 25.03 -5.32
N GLY B 208 -29.52 23.88 -5.84
CA GLY B 208 -30.29 22.96 -5.03
C GLY B 208 -29.48 21.97 -4.23
N ASN B 209 -30.15 20.93 -3.71
CA ASN B 209 -29.52 19.89 -2.91
C ASN B 209 -28.75 18.94 -3.84
N SER B 210 -27.43 19.05 -3.84
CA SER B 210 -26.60 18.21 -4.71
C SER B 210 -26.48 16.76 -4.26
N ASN B 211 -27.09 16.42 -3.13
CA ASN B 211 -27.05 15.05 -2.63
C ASN B 211 -28.26 14.22 -3.06
N ILE B 212 -29.20 14.87 -3.75
CA ILE B 212 -30.37 14.18 -4.28
C ILE B 212 -29.78 13.27 -5.36
N THR B 213 -30.35 12.08 -5.55
CA THR B 213 -29.80 11.17 -6.54
C THR B 213 -30.73 10.83 -7.71
N ALA B 214 -30.13 10.25 -8.74
CA ALA B 214 -30.86 9.81 -9.93
C ALA B 214 -30.36 8.40 -10.21
N PRO B 215 -31.20 7.56 -10.83
CA PRO B 215 -30.79 6.18 -11.13
C PRO B 215 -29.70 6.14 -12.20
N LEU B 216 -28.72 5.27 -12.00
CA LEU B 216 -27.64 5.15 -12.97
C LEU B 216 -28.18 4.58 -14.27
N ASP B 217 -29.18 3.70 -14.17
CA ASP B 217 -29.80 3.07 -15.33
C ASP B 217 -31.22 3.61 -15.46
N ARG B 218 -31.45 4.45 -16.46
N ARG B 218 -31.45 4.44 -16.47
CA ARG B 218 -32.76 5.07 -16.68
CA ARG B 218 -32.76 5.04 -16.70
C ARG B 218 -33.78 4.12 -17.29
C ARG B 218 -33.82 4.10 -17.27
N SER B 219 -33.35 2.89 -17.56
N SER B 219 -33.44 2.87 -17.59
CA SER B 219 -34.24 1.90 -18.15
CA SER B 219 -34.38 1.90 -18.14
C SER B 219 -34.84 0.97 -17.10
C SER B 219 -34.88 0.92 -17.08
N THR B 220 -33.97 0.28 -16.37
CA THR B 220 -34.37 -0.64 -15.31
C THR B 220 -33.49 -0.33 -14.10
N THR B 221 -34.01 0.53 -13.23
CA THR B 221 -33.30 0.99 -12.04
C THR B 221 -32.68 -0.09 -11.15
N ASP B 222 -33.44 -1.14 -10.84
CA ASP B 222 -32.96 -2.17 -9.94
C ASP B 222 -32.55 -3.50 -10.59
N THR B 223 -33.08 -3.79 -11.77
CA THR B 223 -32.76 -5.05 -12.43
C THR B 223 -31.37 -5.09 -13.03
N PHE B 224 -30.62 -6.14 -12.70
CA PHE B 224 -29.28 -6.29 -13.22
C PHE B 224 -29.38 -6.86 -14.63
N ASP B 225 -29.14 -6.02 -15.63
CA ASP B 225 -29.25 -6.44 -17.02
C ASP B 225 -28.29 -5.63 -17.90
N ASN B 226 -28.33 -5.88 -19.21
CA ASN B 226 -27.43 -5.16 -20.11
C ASN B 226 -28.00 -3.82 -20.58
N ASN B 227 -29.13 -3.42 -19.98
CA ASN B 227 -29.75 -2.15 -20.35
C ASN B 227 -28.79 -0.97 -20.16
N TYR B 228 -27.83 -1.11 -19.25
CA TYR B 228 -26.86 -0.03 -19.04
C TYR B 228 -26.16 0.30 -20.35
N PHE B 229 -25.81 -0.72 -21.12
CA PHE B 229 -25.11 -0.51 -22.38
C PHE B 229 -26.03 0.03 -23.47
N LYS B 230 -27.27 -0.45 -23.51
CA LYS B 230 -28.22 0.04 -24.50
C LYS B 230 -28.40 1.55 -24.31
N ASN B 231 -28.38 2.00 -23.05
CA ASN B 231 -28.51 3.42 -22.75
C ASN B 231 -27.40 4.18 -23.47
N LEU B 232 -26.16 3.73 -23.29
CA LEU B 232 -25.02 4.40 -23.90
C LEU B 232 -25.18 4.64 -25.41
N LEU B 233 -25.79 3.68 -26.10
N LEU B 233 -25.79 3.68 -26.10
CA LEU B 233 -26.00 3.80 -27.54
CA LEU B 233 -26.00 3.80 -27.54
C LEU B 233 -26.88 5.01 -27.86
C LEU B 233 -26.90 4.98 -27.87
N GLU B 234 -27.79 5.33 -26.94
CA GLU B 234 -28.71 6.43 -27.12
C GLU B 234 -28.77 7.43 -25.95
N GLY B 235 -27.17 8.54 -23.93
CA GLY B 235 -25.77 8.75 -23.59
C GLY B 235 -25.82 8.79 -22.05
N LYS B 236 -29.27 7.00 -24.77
CA LYS B 236 -29.41 7.87 -23.55
C LYS B 236 -28.01 8.05 -23.01
N GLY B 237 -25.44 7.67 -21.40
CA GLY B 237 -25.42 7.50 -19.93
C GLY B 237 -25.46 8.68 -18.95
N LEU B 238 -25.52 8.34 -17.66
CA LEU B 238 -25.60 9.33 -16.57
C LEU B 238 -24.29 10.04 -16.26
N LEU B 239 -23.26 9.24 -15.96
CA LEU B 239 -21.94 9.74 -15.63
C LEU B 239 -21.13 9.93 -16.90
N SER B 240 -20.26 10.93 -16.90
CA SER B 240 -19.40 11.16 -18.04
C SER B 240 -18.56 9.90 -18.25
N SER B 241 -18.14 9.28 -17.15
CA SER B 241 -17.34 8.07 -17.24
C SER B 241 -18.12 6.91 -17.85
N ASP B 242 -19.45 7.06 -17.91
CA ASP B 242 -20.29 6.05 -18.54
C ASP B 242 -20.36 6.35 -20.04
N GLN B 243 -20.83 7.54 -20.38
CA GLN B 243 -20.98 7.90 -21.79
C GLN B 243 -19.70 7.90 -22.62
N ILE B 244 -18.56 8.23 -22.01
CA ILE B 244 -17.32 8.24 -22.78
C ILE B 244 -16.94 6.86 -23.32
N LEU B 245 -17.49 5.80 -22.73
CA LEU B 245 -17.18 4.44 -23.18
C LEU B 245 -17.70 4.21 -24.59
N PHE B 246 -18.66 5.03 -24.99
CA PHE B 246 -19.25 4.93 -26.31
C PHE B 246 -18.92 6.14 -27.20
N SER B 247 -18.98 7.34 -26.63
CA SER B 247 -18.78 8.58 -27.38
C SER B 247 -17.42 9.27 -27.49
N SER B 248 -16.47 8.92 -26.63
CA SER B 248 -15.16 9.58 -26.68
C SER B 248 -14.36 9.22 -27.94
N ASP B 249 -13.40 10.06 -28.28
CA ASP B 249 -12.57 9.82 -29.44
C ASP B 249 -11.78 8.51 -29.27
N LEU B 250 -11.31 8.26 -28.05
CA LEU B 250 -10.54 7.07 -27.75
C LEU B 250 -11.38 5.78 -27.83
N ALA B 251 -12.66 5.90 -27.52
CA ALA B 251 -13.56 4.76 -27.52
C ALA B 251 -13.89 4.18 -28.90
N VAL B 252 -13.93 5.05 -29.91
CA VAL B 252 -14.27 4.65 -31.27
C VAL B 252 -13.85 3.25 -31.68
N ASN B 253 -12.57 2.94 -31.56
CA ASN B 253 -12.09 1.63 -31.96
C ASN B 253 -11.61 0.73 -30.84
N THR B 254 -12.01 1.07 -29.62
CA THR B 254 -11.65 0.28 -28.46
C THR B 254 -12.90 -0.15 -27.69
N THR B 255 -13.33 0.66 -26.72
CA THR B 255 -14.50 0.34 -25.91
C THR B 255 -15.85 0.39 -26.60
N LYS B 256 -15.98 1.26 -27.60
CA LYS B 256 -17.24 1.41 -28.31
C LYS B 256 -17.82 0.10 -28.85
N LYS B 257 -16.98 -0.69 -29.51
N LYS B 257 -16.99 -0.70 -29.53
CA LYS B 257 -17.42 -1.97 -30.07
CA LYS B 257 -17.48 -1.96 -30.08
C LYS B 257 -17.85 -2.95 -28.98
C LYS B 257 -17.85 -2.96 -28.99
N LEU B 258 -17.22 -2.84 -27.81
N LEU B 258 -17.26 -2.83 -27.81
CA LEU B 258 -17.56 -3.73 -26.70
CA LEU B 258 -17.57 -3.74 -26.72
C LEU B 258 -18.93 -3.36 -26.16
C LEU B 258 -18.93 -3.36 -26.14
N VAL B 259 -19.18 -2.06 -26.01
CA VAL B 259 -20.46 -1.57 -25.51
C VAL B 259 -21.54 -2.05 -26.46
N GLU B 260 -21.25 -2.00 -27.76
CA GLU B 260 -22.22 -2.43 -28.75
C GLU B 260 -22.45 -3.95 -28.69
N ALA B 261 -21.39 -4.70 -28.43
CA ALA B 261 -21.50 -6.16 -28.32
C ALA B 261 -22.33 -6.54 -27.09
N TYR B 262 -22.11 -5.84 -25.98
CA TYR B 262 -22.87 -6.13 -24.78
C TYR B 262 -24.35 -5.76 -24.97
N SER B 263 -24.62 -4.77 -25.82
N SER B 263 -24.62 -4.77 -25.82
CA SER B 263 -25.99 -4.36 -26.07
CA SER B 263 -26.00 -4.35 -26.07
C SER B 263 -26.76 -5.42 -26.85
C SER B 263 -26.76 -5.43 -26.85
N ARG B 264 -26.07 -6.10 -27.76
CA ARG B 264 -26.68 -7.15 -28.58
C ARG B 264 -26.85 -8.46 -27.83
N SER B 265 -25.97 -8.73 -26.88
CA SER B 265 -26.02 -9.99 -26.15
C SER B 265 -25.82 -9.86 -24.64
N GLN B 266 -26.89 -10.04 -23.88
CA GLN B 266 -26.80 -9.95 -22.42
C GLN B 266 -26.04 -11.19 -21.91
N SER B 267 -26.08 -12.29 -22.65
CA SER B 267 -25.36 -13.48 -22.20
C SER B 267 -23.87 -13.21 -22.26
N LEU B 268 -23.44 -12.44 -23.26
CA LEU B 268 -22.02 -12.10 -23.39
C LEU B 268 -21.62 -11.20 -22.23
N PHE B 269 -22.43 -10.17 -21.98
CA PHE B 269 -22.15 -9.26 -20.87
C PHE B 269 -22.01 -10.02 -19.57
N PHE B 270 -22.99 -10.88 -19.27
CA PHE B 270 -22.93 -11.67 -18.04
C PHE B 270 -21.69 -12.54 -17.95
N ARG B 271 -21.29 -13.16 -19.06
CA ARG B 271 -20.10 -14.00 -19.04
C ARG B 271 -18.85 -13.17 -18.71
N ASP B 272 -18.68 -12.05 -19.42
CA ASP B 272 -17.53 -11.19 -19.18
C ASP B 272 -17.58 -10.53 -17.82
N PHE B 273 -18.78 -10.24 -17.34
CA PHE B 273 -18.92 -9.61 -16.02
C PHE B 273 -18.47 -10.57 -14.92
N THR B 274 -18.85 -11.84 -15.02
CA THR B 274 -18.43 -12.80 -14.01
C THR B 274 -16.91 -12.97 -14.07
N CYS B 275 -16.37 -13.01 -15.29
CA CYS B 275 -14.93 -13.17 -15.47
C CYS B 275 -14.18 -12.00 -14.83
N ALA B 276 -14.64 -10.79 -15.10
CA ALA B 276 -14.01 -9.60 -14.55
C ALA B 276 -14.17 -9.51 -13.03
N MET B 277 -15.33 -9.93 -12.51
CA MET B 277 -15.54 -9.88 -11.05
C MET B 277 -14.57 -10.81 -10.32
N ILE B 278 -14.36 -12.01 -10.87
CA ILE B 278 -13.45 -12.98 -10.25
C ILE B 278 -12.03 -12.43 -10.25
N ARG B 279 -11.64 -11.83 -11.37
CA ARG B 279 -10.32 -11.25 -11.48
C ARG B 279 -10.16 -10.11 -10.45
N MET B 280 -11.17 -9.25 -10.33
CA MET B 280 -11.08 -8.15 -9.36
C MET B 280 -11.00 -8.73 -7.95
N GLY B 281 -11.77 -9.79 -7.71
CA GLY B 281 -11.78 -10.43 -6.41
C GLY B 281 -10.47 -11.12 -6.06
N ASN B 282 -9.58 -11.24 -7.04
CA ASN B 282 -8.27 -11.86 -6.83
C ASN B 282 -7.16 -10.85 -6.58
N ILE B 283 -7.51 -9.56 -6.57
CA ILE B 283 -6.49 -8.53 -6.33
C ILE B 283 -6.03 -8.61 -4.89
N SER B 284 -4.72 -8.66 -4.69
CA SER B 284 -4.14 -8.77 -3.35
C SER B 284 -2.81 -8.03 -3.28
N ASN B 285 -2.53 -7.41 -2.13
CA ASN B 285 -1.27 -6.69 -1.98
C ASN B 285 -0.21 -7.55 -1.29
N GLY B 286 -0.59 -8.80 -1.00
CA GLY B 286 0.33 -9.74 -0.38
C GLY B 286 0.74 -9.48 1.06
N ALA B 287 0.13 -8.48 1.69
CA ALA B 287 0.47 -8.15 3.07
C ALA B 287 -0.05 -9.22 4.02
N SER B 288 0.55 -9.29 5.21
CA SER B 288 0.10 -10.24 6.21
C SER B 288 -1.25 -9.71 6.71
N GLY B 289 -2.13 -10.61 7.11
CA GLY B 289 -3.43 -10.19 7.59
C GLY B 289 -3.94 -11.07 8.72
N GLU B 290 -5.25 -11.06 8.93
CA GLU B 290 -5.87 -11.83 10.00
C GLU B 290 -7.35 -12.04 9.66
N VAL B 291 -8.06 -12.77 10.51
CA VAL B 291 -9.51 -12.96 10.33
C VAL B 291 -10.12 -12.00 11.32
N ARG B 292 -10.48 -10.81 10.84
CA ARG B 292 -11.06 -9.75 11.68
C ARG B 292 -12.43 -10.17 12.23
N THR B 293 -12.61 -10.07 13.55
CA THR B 293 -13.87 -10.45 14.18
C THR B 293 -14.94 -9.34 14.19
N ASN B 294 -14.49 -8.09 14.13
CA ASN B 294 -15.37 -6.90 14.08
C ASN B 294 -14.80 -6.15 12.87
N CYS B 295 -15.56 -6.08 11.79
CA CYS B 295 -15.06 -5.45 10.55
C CYS B 295 -14.57 -4.00 10.63
N ARG B 296 -14.95 -3.27 11.68
CA ARG B 296 -14.55 -1.86 11.81
C ARG B 296 -13.19 -1.61 12.49
N VAL B 297 -12.63 -2.62 13.15
CA VAL B 297 -11.36 -2.44 13.86
C VAL B 297 -10.51 -3.71 13.81
N ILE B 298 -9.19 -3.56 13.86
CA ILE B 298 -8.32 -4.73 13.83
C ILE B 298 -8.49 -5.51 15.12
N ASN B 299 -8.08 -6.78 15.12
CA ASN B 299 -8.25 -7.62 16.30
C ASN B 299 -7.43 -7.26 17.52
N ASN B 300 -6.18 -6.89 17.33
CA ASN B 300 -5.30 -6.55 18.45
C ASN B 300 -4.66 -5.17 18.32
CA CA C . 30.05 -0.45 15.17
CA CA D . 8.03 0.29 -0.02
CHA HEM E . 16.93 6.89 6.87
CHB HEM E . 20.85 8.53 4.54
CHC HEM E . 22.09 3.97 3.40
CHD HEM E . 18.44 2.37 6.04
C1A HEM E . 17.92 7.75 6.40
C2A HEM E . 17.93 9.22 6.56
C3A HEM E . 19.06 9.66 5.90
C4A HEM E . 19.70 8.50 5.32
CMA HEM E . 19.63 11.08 5.86
CAA HEM E . 16.91 10.04 7.35
CBA HEM E . 17.46 10.29 8.74
CGA HEM E . 16.55 11.11 9.63
O1A HEM E . 17.01 11.55 10.70
O2A HEM E . 15.36 11.32 9.28
C1B HEM E . 21.49 7.43 3.93
C2B HEM E . 22.59 7.53 2.96
C3B HEM E . 22.91 6.25 2.58
C4B HEM E . 22.00 5.38 3.35
CMB HEM E . 23.16 8.81 2.35
CAB HEM E . 23.89 5.90 1.63
CBB HEM E . 23.74 4.85 0.61
C1C HEM E . 21.25 3.12 4.10
C2C HEM E . 21.49 1.71 4.29
C3C HEM E . 20.47 1.23 5.06
C4C HEM E . 19.63 2.39 5.32
CMC HEM E . 22.74 0.96 3.80
CAC HEM E . 20.33 -0.05 5.63
CBC HEM E . 20.63 -1.31 4.98
C1D HEM E . 17.65 3.45 6.42
C2D HEM E . 16.28 3.33 6.90
C3D HEM E . 15.85 4.59 7.18
C4D HEM E . 16.91 5.50 6.73
CMD HEM E . 15.45 2.05 6.90
CAD HEM E . 14.56 4.93 7.96
CBD HEM E . 14.91 5.21 9.42
CGD HEM E . 13.68 5.46 10.29
O1D HEM E . 12.59 5.71 9.73
O2D HEM E . 13.82 5.41 11.53
NA HEM E . 19.01 7.35 5.64
NB HEM E . 21.09 6.12 4.10
NC HEM E . 20.16 3.54 4.79
ND HEM E . 17.97 4.75 6.18
FE HEM E . 19.47 5.42 5.03
N1 GSH F . 32.35 -7.47 -5.91
CA1 GSH F . 32.74 -8.80 -6.36
C1 GSH F . 33.38 -8.79 -7.77
O11 GSH F . 33.38 -7.74 -8.41
O12 GSH F . 33.88 -9.93 -8.21
CB1 GSH F . 31.51 -9.73 -6.30
CG1 GSH F . 30.83 -9.73 -4.92
CD1 GSH F . 29.37 -10.16 -5.16
OE1 GSH F . 29.08 -11.34 -5.38
N2 GSH F . 28.48 -9.18 -5.26
CA2 GSH F . 27.07 -9.55 -5.46
C2 GSH F . 26.78 -9.51 -6.95
O2 GSH F . 25.94 -10.24 -7.48
CB2 GSH F . 26.15 -8.52 -4.80
SG2 GSH F . 26.20 -8.55 -2.99
N3 GSH F . 27.41 -8.57 -7.65
CA3 GSH F . 28.38 -7.67 -7.02
C3 GSH F . 29.55 -7.52 -7.97
O31 GSH F . 30.56 -6.95 -7.53
O32 GSH F . 29.43 -7.99 -9.13
CA CA G . -8.88 -2.88 0.36
CA CA H . -30.70 -2.17 -15.06
CHA HEM I . -21.89 4.42 -8.15
CHB HEM I . -17.97 6.07 -10.49
CHC HEM I . -16.73 1.53 -11.54
CHD HEM I . -20.41 -0.12 -8.91
C1A HEM I . -20.87 5.28 -8.60
C2A HEM I . -20.87 6.72 -8.41
C3A HEM I . -19.78 7.19 -9.07
C4A HEM I . -19.12 6.03 -9.68
CMA HEM I . -19.35 8.66 -9.17
CAA HEM I . -21.90 7.53 -7.63
CBA HEM I . -21.35 7.85 -6.24
CGA HEM I . -22.29 8.67 -5.40
O1A HEM I . -21.89 9.06 -4.27
O2A HEM I . -23.43 8.92 -5.84
C1B HEM I . -17.32 4.98 -11.08
C2B HEM I . -16.18 5.05 -11.97
C3B HEM I . -15.86 3.78 -12.35
C4B HEM I . -16.80 2.91 -11.62
CMB HEM I . -15.47 6.31 -12.47
CAB HEM I . -14.82 3.41 -13.22
CBB HEM I . -14.96 2.44 -14.31
C1C HEM I . -17.55 0.67 -10.83
C2C HEM I . -17.28 -0.75 -10.63
C3C HEM I . -18.29 -1.22 -9.84
C4C HEM I . -19.18 -0.09 -9.59
CMC HEM I . -16.03 -1.48 -11.12
CAC HEM I . -18.41 -2.52 -9.29
CBC HEM I . -18.26 -3.75 -10.05
C1D HEM I . -21.23 0.97 -8.56
C2D HEM I . -22.59 0.86 -8.09
C3D HEM I . -22.99 2.13 -7.82
C4D HEM I . -21.91 3.02 -8.26
CMD HEM I . -23.46 -0.39 -8.05
CAD HEM I . -24.28 2.53 -7.11
CBD HEM I . -23.98 2.63 -5.62
CGD HEM I . -25.19 2.97 -4.76
O1D HEM I . -26.30 3.18 -5.32
O2D HEM I . -25.05 3.04 -3.53
NA HEM I . -19.79 4.86 -9.36
NB HEM I . -17.71 3.66 -10.90
NC HEM I . -18.66 1.08 -10.14
ND HEM I . -20.88 2.29 -8.79
FE HEM I . -19.35 2.95 -9.93
N1 GSH J . -4.74 -12.47 -19.94
CA1 GSH J . -6.01 -12.74 -20.60
C1 GSH J . -5.83 -13.24 -22.05
O11 GSH J . -4.70 -13.23 -22.55
O12 GSH J . -6.92 -13.65 -22.70
CB1 GSH J . -6.90 -11.49 -20.55
CG1 GSH J . -7.89 -11.52 -19.37
CD1 GSH J . -9.23 -12.03 -19.96
OE1 GSH J . -9.28 -13.05 -20.64
N2 GSH J . -10.27 -11.22 -19.79
CA2 GSH J . -11.56 -11.67 -20.29
C2 GSH J . -11.59 -11.47 -21.80
O2 GSH J . -12.46 -11.96 -22.52
CB2 GSH J . -12.71 -10.82 -19.71
SG2 GSH J . -12.89 -10.99 -17.91
N3 GSH J . -10.67 -10.63 -22.29
CA3 GSH J . -10.89 -9.91 -23.55
C3 GSH J . -9.85 -10.39 -24.54
O31 GSH J . -9.75 -9.75 -25.61
O32 GSH J . -9.17 -11.40 -24.23
#